data_1UQT
#
_entry.id   1UQT
#
_cell.length_a   88.919
_cell.length_b   101.521
_cell.length_c   118.207
_cell.angle_alpha   90.00
_cell.angle_beta   90.00
_cell.angle_gamma   90.00
#
_symmetry.space_group_name_H-M   'P 21 21 2'
#
loop_
_entity.id
_entity.type
_entity.pdbx_description
1 polymer 'ALPHA, ALPHA-TREHALOSE-PHOSPHATE SYNTHASE'
2 non-polymer "URIDINE-5'-DIPHOSPHATE-2-DEOXY-2-FLUORO-ALPHA-D-GLUCOSE"
3 water water
#
_entity_poly.entity_id   1
_entity_poly.type   'polypeptide(L)'
_entity_poly.pdbx_seq_one_letter_code
;MSRLVVVSNRIAPPDEHAASAGGLAVGILGALKAAGGLWFGWSGETGNEDQPLKKVKKGNITWASFNLSEQDLDEYYNQF
SNAVLWPAFHYRLDLVQFQRPAWDGYLRVNALLADKLLPLLQDDDIIWIHDYHLLPFAHELRKRGVNNRIGFFLHIPFPT
PEIFNALPTYDTLLEQLCDYDLLGFQTENDRLAFLDCLSNLTRVTTRSAKSHTAWGKAFRTEVYPIGIEPKEIAKQAAGP
LPPKLAQLKAELKNVQNIFSVERLDYSKGLPERFLAYEALLEKYPQHHGKIRYTQIAPTSRGDVQAYQDIRHQLENEAGR
INGKYGQLGWTPLYYLNQHFDRKLLMKIFRYSDVGLVTPLRDGMNLVAKEYVAAQDPANPGVLVLSQFAGAANELTSALI
VNPYDRDEVAAALDRALTMSLAERISRHAEMLDVIVKNDINHWQECFISDLKQIVPRSAESQQRDKVATFPKLALEHHHH
HH
;
_entity_poly.pdbx_strand_id   A,B
#
loop_
_chem_comp.id
_chem_comp.type
_chem_comp.name
_chem_comp.formula
U2F non-polymer URIDINE-5'-DIPHOSPHATE-2-DEOXY-2-FLUORO-ALPHA-D-GLUCOSE 'C15 H23 F N2 O16 P2'
#
# COMPACT_ATOMS: atom_id res chain seq x y z
N SER A 2 52.91 0.41 -8.70
CA SER A 2 53.00 1.84 -9.23
C SER A 2 51.58 2.31 -9.62
N ARG A 3 51.34 2.59 -10.91
CA ARG A 3 50.02 3.03 -11.38
C ARG A 3 48.88 2.03 -11.07
N LEU A 4 47.78 2.55 -10.55
CA LEU A 4 46.63 1.74 -10.20
C LEU A 4 45.59 1.87 -11.30
N VAL A 5 45.09 0.74 -11.75
CA VAL A 5 43.98 0.69 -12.68
C VAL A 5 42.87 0.00 -11.91
N VAL A 6 41.70 0.61 -11.87
CA VAL A 6 40.55 0.04 -11.18
C VAL A 6 39.41 -0.18 -12.16
N VAL A 7 38.82 -1.36 -12.15
CA VAL A 7 37.59 -1.56 -12.94
C VAL A 7 36.40 -2.00 -12.11
N SER A 8 35.27 -1.37 -12.41
CA SER A 8 34.01 -1.66 -11.72
C SER A 8 32.86 -1.38 -12.67
N ASN A 9 31.73 -2.04 -12.44
CA ASN A 9 30.59 -1.98 -13.37
C ASN A 9 30.08 -0.54 -13.58
N ARG A 10 30.11 0.30 -12.53
CA ARG A 10 29.93 1.74 -12.70
C ARG A 10 31.16 2.48 -12.20
N ILE A 11 31.35 3.70 -12.69
CA ILE A 11 32.38 4.61 -12.17
C ILE A 11 31.74 5.91 -11.70
N ALA A 12 32.57 6.82 -11.20
CA ALA A 12 32.10 8.11 -10.70
C ALA A 12 33.04 9.25 -11.11
N PRO A 13 32.69 9.99 -12.15
CA PRO A 13 33.49 11.16 -12.53
C PRO A 13 33.20 12.35 -11.58
N PRO A 14 34.14 13.29 -11.42
CA PRO A 14 34.03 14.41 -10.45
C PRO A 14 32.60 14.92 -10.10
N ASP A 15 31.95 15.68 -10.98
CA ASP A 15 30.59 16.15 -10.73
C ASP A 15 29.58 15.08 -11.17
N SER A 20 28.37 13.50 -5.84
CA SER A 20 27.67 12.87 -4.71
C SER A 20 28.34 11.53 -4.41
N ALA A 21 29.44 11.61 -3.65
CA ALA A 21 30.42 10.52 -3.55
C ALA A 21 30.05 9.44 -2.54
N GLY A 22 29.77 8.24 -3.04
CA GLY A 22 29.38 7.12 -2.20
C GLY A 22 30.55 6.45 -1.52
N GLY A 23 30.23 5.44 -0.71
CA GLY A 23 31.20 4.77 0.13
C GLY A 23 32.36 4.14 -0.59
N LEU A 24 32.08 3.35 -1.63
CA LEU A 24 33.15 2.64 -2.35
C LEU A 24 33.96 3.64 -3.17
N ALA A 25 33.28 4.63 -3.75
CA ALA A 25 33.92 5.64 -4.58
C ALA A 25 35.03 6.41 -3.86
N VAL A 26 34.82 6.74 -2.58
CA VAL A 26 35.85 7.47 -1.82
C VAL A 26 37.08 6.58 -1.56
N GLY A 27 36.85 5.28 -1.42
CA GLY A 27 37.95 4.34 -1.27
C GLY A 27 38.79 4.25 -2.53
N ILE A 28 38.11 4.06 -3.66
CA ILE A 28 38.80 3.95 -4.95
C ILE A 28 39.59 5.21 -5.27
N LEU A 29 38.97 6.36 -5.01
CA LEU A 29 39.59 7.63 -5.33
C LEU A 29 40.79 7.90 -4.44
N GLY A 30 40.73 7.49 -3.17
CA GLY A 30 41.87 7.64 -2.28
C GLY A 30 43.03 6.79 -2.80
N ALA A 31 42.71 5.59 -3.29
CA ALA A 31 43.69 4.68 -3.86
C ALA A 31 44.38 5.26 -5.10
N LEU A 32 43.56 5.75 -6.03
CA LEU A 32 43.99 6.36 -7.28
C LEU A 32 44.71 7.68 -7.08
N LYS A 33 44.34 8.42 -6.04
CA LYS A 33 45.00 9.72 -5.79
C LYS A 33 46.39 9.50 -5.21
N ALA A 34 46.61 8.39 -4.52
CA ALA A 34 47.94 8.04 -4.01
C ALA A 34 48.86 7.52 -5.13
N ALA A 35 48.35 6.61 -5.97
CA ALA A 35 49.14 5.95 -7.02
C ALA A 35 49.18 6.73 -8.33
N GLY A 36 48.11 7.48 -8.58
CA GLY A 36 47.76 7.91 -9.91
C GLY A 36 47.23 6.71 -10.64
N GLY A 37 46.46 6.92 -11.71
CA GLY A 37 45.97 5.83 -12.52
C GLY A 37 44.65 6.05 -13.25
N LEU A 38 43.91 4.97 -13.40
CA LEU A 38 42.77 4.90 -14.30
C LEU A 38 41.59 4.24 -13.59
N TRP A 39 40.39 4.79 -13.77
CA TRP A 39 39.16 4.10 -13.39
C TRP A 39 38.35 3.86 -14.63
N PHE A 40 38.07 2.59 -14.90
CA PHE A 40 37.42 2.14 -16.13
C PHE A 40 36.11 1.42 -15.79
N GLY A 41 35.02 1.73 -16.50
CA GLY A 41 33.78 0.98 -16.34
C GLY A 41 32.59 1.45 -17.19
N TRP A 42 31.46 0.75 -17.04
CA TRP A 42 30.23 1.06 -17.79
C TRP A 42 29.68 2.43 -17.43
N SER A 43 29.24 3.15 -18.46
CA SER A 43 28.74 4.51 -18.28
C SER A 43 27.37 4.57 -17.63
N GLY A 44 26.69 3.44 -17.50
CA GLY A 44 25.28 3.41 -17.11
C GLY A 44 24.30 3.60 -18.26
N GLU A 45 24.81 4.01 -19.43
CA GLU A 45 23.97 4.29 -20.60
C GLU A 45 23.86 3.05 -21.50
N THR A 46 22.69 2.85 -22.10
CA THR A 46 22.52 1.84 -23.15
C THR A 46 22.47 2.58 -24.48
N GLY A 47 22.78 1.87 -25.56
CA GLY A 47 22.84 2.48 -26.89
C GLY A 47 24.22 3.00 -27.26
N ASN A 48 24.37 3.33 -28.54
CA ASN A 48 25.60 3.87 -29.20
C ASN A 48 26.96 3.37 -28.71
N GLU A 49 27.21 2.07 -28.90
CA GLU A 49 28.42 1.42 -28.38
C GLU A 49 29.58 1.50 -29.36
N ASP A 50 29.30 1.92 -30.60
CA ASP A 50 30.34 2.19 -31.60
C ASP A 50 31.35 3.18 -31.03
N GLN A 51 30.86 4.36 -30.66
CA GLN A 51 31.68 5.54 -30.40
C GLN A 51 32.79 5.31 -29.36
N PRO A 52 33.89 6.06 -29.49
CA PRO A 52 35.08 5.83 -28.65
C PRO A 52 34.77 5.83 -27.16
N LEU A 53 35.73 5.31 -26.39
CA LEU A 53 35.69 5.45 -24.95
C LEU A 53 35.58 6.94 -24.59
N LYS A 54 34.75 7.24 -23.59
CA LYS A 54 34.62 8.59 -23.03
C LYS A 54 35.65 8.75 -21.90
N LYS A 55 36.65 9.60 -22.14
CA LYS A 55 37.78 9.81 -21.22
C LYS A 55 37.77 11.23 -20.63
N VAL A 56 37.92 11.33 -19.31
CA VAL A 56 38.23 12.61 -18.65
C VAL A 56 39.46 12.46 -17.76
N LYS A 57 40.22 13.54 -17.56
CA LYS A 57 41.44 13.49 -16.75
C LYS A 57 41.59 14.70 -15.84
N LYS A 58 41.82 14.42 -14.55
CA LYS A 58 42.10 15.44 -13.55
C LYS A 58 43.39 15.11 -12.77
N GLY A 59 44.43 15.92 -12.94
CA GLY A 59 45.71 15.70 -12.30
C GLY A 59 46.30 14.32 -12.59
N ASN A 60 46.32 13.46 -11.57
CA ASN A 60 46.92 12.11 -11.66
C ASN A 60 46.00 11.03 -12.21
N ILE A 61 44.73 11.35 -12.40
CA ILE A 61 43.71 10.32 -12.62
C ILE A 61 43.00 10.48 -13.95
N THR A 62 42.54 9.35 -14.49
CA THR A 62 41.75 9.31 -15.71
C THR A 62 40.52 8.42 -15.51
N TRP A 63 39.35 8.93 -15.88
CA TRP A 63 38.11 8.15 -15.86
C TRP A 63 37.73 7.76 -17.29
N ALA A 64 37.29 6.53 -17.49
CA ALA A 64 37.01 6.01 -18.83
C ALA A 64 35.80 5.11 -18.85
N SER A 65 34.82 5.43 -19.70
CA SER A 65 33.60 4.64 -19.80
C SER A 65 33.16 4.35 -21.23
N PHE A 66 32.40 3.26 -21.36
CA PHE A 66 31.79 2.82 -22.62
C PHE A 66 30.29 2.63 -22.36
N ASN A 67 29.48 2.68 -23.41
CA ASN A 67 28.11 2.18 -23.34
C ASN A 67 28.04 0.68 -23.67
N LEU A 68 26.92 0.06 -23.28
CA LEU A 68 26.59 -1.33 -23.63
C LEU A 68 25.37 -1.37 -24.57
N SER A 69 25.26 -2.41 -25.39
CA SER A 69 24.07 -2.63 -26.22
C SER A 69 22.92 -3.10 -25.30
N GLU A 70 21.68 -2.97 -25.77
CA GLU A 70 20.52 -3.36 -24.95
C GLU A 70 20.59 -4.86 -24.64
N GLN A 71 20.99 -5.66 -25.65
CA GLN A 71 21.14 -7.10 -25.46
C GLN A 71 22.28 -7.44 -24.49
N ASP A 72 23.39 -6.70 -24.54
CA ASP A 72 24.51 -6.96 -23.64
C ASP A 72 23.98 -6.76 -22.21
N LEU A 73 23.47 -5.57 -21.96
CA LEU A 73 22.82 -5.24 -20.68
C LEU A 73 21.81 -6.30 -20.20
N ASP A 74 20.92 -6.76 -21.06
CA ASP A 74 19.90 -7.66 -20.55
C ASP A 74 20.50 -8.98 -20.05
N GLU A 75 21.44 -9.53 -20.81
CA GLU A 75 21.97 -10.86 -20.55
C GLU A 75 23.01 -10.84 -19.44
N TYR A 76 23.88 -9.84 -19.47
CA TYR A 76 25.04 -9.78 -18.58
C TYR A 76 24.67 -9.18 -17.19
N TYR A 77 23.92 -8.07 -17.22
CA TYR A 77 23.56 -7.31 -16.04
C TYR A 77 22.18 -7.69 -15.49
N ASN A 78 21.10 -7.48 -16.23
CA ASN A 78 19.78 -7.84 -15.72
C ASN A 78 19.64 -9.35 -15.46
N GLN A 79 20.23 -10.21 -16.31
CA GLN A 79 20.00 -11.64 -16.17
C GLN A 79 21.06 -12.30 -15.31
N PHE A 80 22.28 -12.41 -15.81
CA PHE A 80 23.22 -13.23 -15.11
C PHE A 80 23.68 -12.58 -13.82
N SER A 81 24.01 -11.29 -13.86
CA SER A 81 24.52 -10.65 -12.68
C SER A 81 23.38 -10.56 -11.63
N ASN A 82 22.23 -10.08 -12.01
CA ASN A 82 21.23 -9.67 -11.01
C ASN A 82 20.11 -10.67 -10.81
N ALA A 83 20.09 -11.70 -11.64
CA ALA A 83 19.06 -12.73 -11.59
C ALA A 83 19.65 -14.14 -11.43
N VAL A 84 20.98 -14.25 -11.40
CA VAL A 84 21.63 -15.50 -11.05
C VAL A 84 22.61 -15.29 -9.91
N LEU A 85 23.63 -14.48 -10.15
CA LEU A 85 24.68 -14.35 -9.18
C LEU A 85 24.16 -13.66 -7.93
N TRP A 86 23.42 -12.56 -8.09
CA TRP A 86 23.01 -11.80 -6.90
C TRP A 86 22.11 -12.67 -5.98
N PRO A 87 21.03 -13.26 -6.48
CA PRO A 87 20.19 -14.11 -5.61
C PRO A 87 20.94 -15.34 -5.06
N ALA A 88 21.76 -16.01 -5.86
CA ALA A 88 22.52 -17.17 -5.35
C ALA A 88 23.48 -16.82 -4.18
N PHE A 89 24.25 -15.76 -4.34
CA PHE A 89 25.18 -15.31 -3.35
C PHE A 89 24.46 -14.74 -2.12
N HIS A 90 23.18 -14.37 -2.24
CA HIS A 90 22.39 -13.98 -1.10
C HIS A 90 21.44 -15.08 -0.62
N TYR A 91 21.78 -16.32 -0.96
CA TYR A 91 21.10 -17.50 -0.40
C TYR A 91 19.64 -17.58 -0.82
N ARG A 92 19.39 -17.25 -2.09
CA ARG A 92 18.08 -17.27 -2.66
C ARG A 92 18.08 -18.05 -4.00
N LEU A 93 18.29 -19.35 -3.90
CA LEU A 93 18.24 -20.26 -5.03
C LEU A 93 16.90 -20.25 -5.74
N ASP A 94 15.83 -20.09 -4.96
CA ASP A 94 14.48 -19.96 -5.48
C ASP A 94 14.24 -18.78 -6.45
N LEU A 95 15.15 -17.82 -6.49
CA LEU A 95 15.05 -16.67 -7.36
C LEU A 95 16.02 -16.75 -8.53
N VAL A 96 16.90 -17.74 -8.58
CA VAL A 96 17.84 -17.77 -9.70
C VAL A 96 17.15 -18.17 -10.98
N GLN A 97 17.55 -17.50 -12.05
CA GLN A 97 16.93 -17.70 -13.35
C GLN A 97 18.05 -18.04 -14.28
N PHE A 98 18.64 -19.20 -14.08
CA PHE A 98 19.68 -19.64 -15.01
C PHE A 98 19.16 -20.03 -16.38
N GLN A 99 19.73 -19.38 -17.38
CA GLN A 99 19.61 -19.78 -18.77
C GLN A 99 20.95 -19.58 -19.53
N ARG A 100 21.23 -20.47 -20.49
CA ARG A 100 22.53 -20.49 -21.11
C ARG A 100 22.86 -19.18 -21.82
N PRO A 101 21.92 -18.58 -22.57
CA PRO A 101 22.16 -17.27 -23.21
C PRO A 101 22.59 -16.15 -22.26
N ALA A 102 22.09 -16.18 -21.03
CA ALA A 102 22.46 -15.22 -20.03
C ALA A 102 23.94 -15.41 -19.66
N TRP A 103 24.34 -16.67 -19.50
CA TRP A 103 25.72 -17.01 -19.20
C TRP A 103 26.67 -16.64 -20.34
N ASP A 104 26.33 -16.98 -21.58
CA ASP A 104 27.14 -16.58 -22.72
C ASP A 104 27.28 -15.04 -22.78
N GLY A 105 26.20 -14.31 -22.57
CA GLY A 105 26.24 -12.85 -22.54
C GLY A 105 27.17 -12.32 -21.48
N TYR A 106 27.15 -12.97 -20.32
CA TYR A 106 27.94 -12.57 -19.18
C TYR A 106 29.41 -12.66 -19.56
N LEU A 107 29.79 -13.76 -20.21
CA LEU A 107 31.16 -13.96 -20.66
C LEU A 107 31.50 -13.00 -21.80
N ARG A 108 30.55 -12.81 -22.71
CA ARG A 108 30.79 -11.95 -23.88
C ARG A 108 31.13 -10.53 -23.39
N VAL A 109 30.38 -10.03 -22.40
CA VAL A 109 30.58 -8.66 -21.94
C VAL A 109 31.92 -8.53 -21.18
N ASN A 110 32.28 -9.53 -20.42
CA ASN A 110 33.58 -9.53 -19.72
C ASN A 110 34.75 -9.49 -20.74
N ALA A 111 34.64 -10.31 -21.79
CA ALA A 111 35.63 -10.32 -22.88
C ALA A 111 35.70 -8.95 -23.54
N LEU A 112 34.55 -8.33 -23.76
CA LEU A 112 34.47 -7.06 -24.46
C LEU A 112 35.16 -5.94 -23.66
N LEU A 113 34.90 -5.93 -22.37
CA LEU A 113 35.50 -4.96 -21.45
C LEU A 113 37.00 -5.16 -21.40
N ALA A 114 37.42 -6.41 -21.44
CA ALA A 114 38.86 -6.74 -21.47
C ALA A 114 39.50 -6.24 -22.74
N ASP A 115 38.78 -6.34 -23.86
CA ASP A 115 39.28 -5.82 -25.14
C ASP A 115 39.43 -4.30 -25.14
N LYS A 116 38.44 -3.62 -24.57
CA LYS A 116 38.44 -2.16 -24.46
C LYS A 116 39.52 -1.68 -23.44
N LEU A 117 39.81 -2.49 -22.44
CA LEU A 117 40.77 -2.11 -21.41
C LEU A 117 42.20 -2.29 -21.89
N LEU A 118 42.46 -3.38 -22.61
CA LEU A 118 43.83 -3.75 -22.99
C LEU A 118 44.71 -2.60 -23.51
N PRO A 119 44.31 -1.85 -24.54
CA PRO A 119 45.18 -0.78 -25.08
C PRO A 119 45.60 0.27 -24.05
N LEU A 120 44.85 0.37 -22.96
CA LEU A 120 45.08 1.36 -21.92
C LEU A 120 46.06 0.91 -20.84
N LEU A 121 46.38 -0.37 -20.76
CA LEU A 121 47.28 -0.85 -19.73
C LEU A 121 48.76 -0.59 -20.03
N GLN A 122 49.55 -0.50 -18.98
CA GLN A 122 51.00 -0.41 -19.07
C GLN A 122 51.58 -1.58 -18.29
N ASP A 123 52.84 -1.95 -18.57
CA ASP A 123 53.44 -3.16 -17.99
C ASP A 123 53.40 -3.20 -16.48
N ASP A 124 53.62 -2.06 -15.84
CA ASP A 124 53.76 -1.99 -14.38
C ASP A 124 52.47 -1.67 -13.59
N ASP A 125 51.34 -1.50 -14.28
CA ASP A 125 50.04 -1.26 -13.63
C ASP A 125 49.65 -2.35 -12.64
N ILE A 126 49.09 -1.94 -11.52
CA ILE A 126 48.39 -2.87 -10.64
C ILE A 126 46.91 -2.70 -10.94
N ILE A 127 46.19 -3.81 -10.97
CA ILE A 127 44.82 -3.82 -11.44
C ILE A 127 43.91 -4.35 -10.37
N TRP A 128 42.91 -3.56 -10.02
CA TRP A 128 41.96 -3.87 -8.95
C TRP A 128 40.55 -3.95 -9.54
N ILE A 129 40.00 -5.15 -9.56
CA ILE A 129 38.68 -5.41 -10.12
C ILE A 129 37.66 -5.58 -9.01
N HIS A 130 36.47 -5.00 -9.21
CA HIS A 130 35.41 -5.02 -8.21
C HIS A 130 34.17 -5.76 -8.67
N ASP A 131 33.84 -6.77 -7.90
CA ASP A 131 32.49 -7.29 -7.73
C ASP A 131 32.05 -8.34 -8.72
N TYR A 132 30.89 -8.92 -8.41
CA TYR A 132 30.44 -10.17 -9.00
C TYR A 132 30.18 -10.04 -10.52
N HIS A 133 30.04 -8.81 -11.03
CA HIS A 133 29.83 -8.63 -12.47
C HIS A 133 31.07 -9.09 -13.27
N LEU A 134 32.21 -9.13 -12.59
CA LEU A 134 33.51 -9.31 -13.23
C LEU A 134 34.26 -10.50 -12.66
N LEU A 135 33.54 -11.53 -12.20
CA LEU A 135 34.21 -12.78 -11.79
C LEU A 135 35.20 -13.34 -12.87
N PRO A 136 34.82 -13.33 -14.15
CA PRO A 136 35.72 -13.87 -15.23
C PRO A 136 36.81 -12.94 -15.77
N PHE A 137 36.95 -11.77 -15.16
CA PHE A 137 37.70 -10.73 -15.81
C PHE A 137 39.21 -11.00 -15.73
N ALA A 138 39.72 -11.49 -14.59
CA ALA A 138 41.15 -11.83 -14.57
C ALA A 138 41.48 -12.82 -15.70
N HIS A 139 40.61 -13.82 -15.87
CA HIS A 139 40.76 -14.89 -16.87
C HIS A 139 40.83 -14.27 -18.27
N GLU A 140 39.90 -13.39 -18.59
CA GLU A 140 39.89 -12.73 -19.88
C GLU A 140 41.19 -11.93 -20.07
N LEU A 141 41.71 -11.33 -18.99
CA LEU A 141 42.95 -10.57 -19.07
C LEU A 141 44.17 -11.50 -19.31
N ARG A 142 44.28 -12.61 -18.57
CA ARG A 142 45.34 -13.57 -18.77
C ARG A 142 45.37 -14.10 -20.21
N LYS A 143 44.24 -14.43 -20.79
CA LYS A 143 44.32 -14.99 -22.14
C LYS A 143 44.68 -13.91 -23.18
N ARG A 144 44.60 -12.64 -22.80
CA ARG A 144 45.05 -11.55 -23.63
C ARG A 144 46.51 -11.15 -23.35
N GLY A 145 47.21 -11.97 -22.57
CA GLY A 145 48.62 -11.77 -22.29
C GLY A 145 48.96 -10.82 -21.16
N VAL A 146 48.01 -10.47 -20.29
CA VAL A 146 48.34 -9.54 -19.22
C VAL A 146 48.86 -10.29 -17.98
N ASN A 147 50.10 -9.96 -17.64
CA ASN A 147 50.84 -10.64 -16.59
C ASN A 147 50.79 -9.91 -15.27
N ASN A 148 50.14 -8.74 -15.26
CA ASN A 148 50.18 -7.81 -14.16
C ASN A 148 49.61 -8.44 -12.91
N ARG A 149 49.89 -7.82 -11.78
CA ARG A 149 49.24 -8.18 -10.52
C ARG A 149 47.78 -7.74 -10.65
N ILE A 150 46.84 -8.67 -10.42
CA ILE A 150 45.42 -8.36 -10.53
C ILE A 150 44.75 -8.87 -9.26
N GLY A 151 44.08 -7.97 -8.56
CA GLY A 151 43.28 -8.32 -7.38
C GLY A 151 41.80 -8.14 -7.63
N PHE A 152 41.02 -8.94 -6.91
CA PHE A 152 39.58 -8.91 -6.94
C PHE A 152 39.06 -8.65 -5.54
N PHE A 153 38.02 -7.83 -5.42
CA PHE A 153 37.28 -7.69 -4.19
C PHE A 153 35.81 -7.96 -4.46
N LEU A 154 35.25 -8.89 -3.68
CA LEU A 154 33.86 -9.25 -3.67
C LEU A 154 33.09 -8.47 -2.59
N HIS A 155 32.15 -7.64 -3.01
CA HIS A 155 31.47 -6.74 -2.11
C HIS A 155 30.31 -7.42 -1.39
N ILE A 156 29.90 -8.58 -1.89
CA ILE A 156 28.72 -9.31 -1.38
C ILE A 156 29.19 -10.62 -0.77
N PRO A 157 28.28 -11.37 -0.15
CA PRO A 157 28.69 -12.64 0.47
C PRO A 157 29.09 -13.68 -0.58
N PHE A 158 29.96 -14.60 -0.22
CA PHE A 158 30.26 -15.77 -1.02
C PHE A 158 29.58 -16.92 -0.33
N PRO A 159 28.67 -17.60 -1.00
CA PRO A 159 27.88 -18.65 -0.37
C PRO A 159 28.57 -19.99 -0.21
N THR A 160 28.10 -20.79 0.77
CA THR A 160 28.68 -22.11 1.04
C THR A 160 28.44 -23.01 -0.13
N PRO A 161 29.18 -24.13 -0.19
CA PRO A 161 29.04 -25.13 -1.26
C PRO A 161 27.62 -25.60 -1.56
N GLU A 162 26.85 -25.86 -0.52
CA GLU A 162 25.52 -26.40 -0.74
C GLU A 162 24.66 -25.43 -1.56
N ILE A 163 24.97 -24.13 -1.52
CA ILE A 163 24.28 -23.13 -2.29
C ILE A 163 25.06 -22.80 -3.55
N PHE A 164 26.34 -22.49 -3.42
CA PHE A 164 27.15 -22.16 -4.60
C PHE A 164 27.12 -23.25 -5.66
N ASN A 165 27.20 -24.52 -5.23
CA ASN A 165 27.24 -25.64 -6.17
C ASN A 165 25.97 -25.88 -6.95
N ALA A 166 24.87 -25.24 -6.56
CA ALA A 166 23.66 -25.30 -7.36
C ALA A 166 23.77 -24.55 -8.70
N LEU A 167 24.63 -23.54 -8.75
CA LEU A 167 24.84 -22.76 -9.97
C LEU A 167 25.40 -23.70 -11.04
N PRO A 168 24.73 -23.80 -12.20
CA PRO A 168 25.15 -24.75 -13.22
C PRO A 168 26.55 -24.47 -13.76
N THR A 169 27.04 -23.27 -13.57
CA THR A 169 28.33 -22.91 -14.07
C THR A 169 29.37 -22.63 -12.94
N TYR A 170 29.09 -23.14 -11.73
CA TYR A 170 29.96 -22.91 -10.56
C TYR A 170 31.44 -23.28 -10.78
N ASP A 171 31.66 -24.37 -11.49
CA ASP A 171 32.97 -24.89 -11.79
C ASP A 171 33.81 -23.92 -12.63
N THR A 172 33.21 -23.40 -13.70
CA THR A 172 33.90 -22.43 -14.56
C THR A 172 34.18 -21.14 -13.76
N LEU A 173 33.21 -20.70 -12.97
CA LEU A 173 33.43 -19.58 -12.04
C LEU A 173 34.62 -19.78 -11.09
N LEU A 174 34.73 -20.96 -10.46
CA LEU A 174 35.85 -21.20 -9.57
C LEU A 174 37.17 -21.19 -10.33
N GLU A 175 37.21 -21.81 -11.48
CA GLU A 175 38.43 -21.89 -12.24
C GLU A 175 38.89 -20.48 -12.61
N GLN A 176 37.94 -19.65 -13.00
CA GLN A 176 38.28 -18.31 -13.44
C GLN A 176 38.73 -17.44 -12.29
N LEU A 177 38.10 -17.58 -11.10
CA LEU A 177 38.47 -16.77 -9.96
C LEU A 177 39.93 -16.98 -9.58
N CYS A 178 40.46 -18.17 -9.85
CA CYS A 178 41.84 -18.49 -9.50
C CYS A 178 42.88 -17.84 -10.41
N ASP A 179 42.45 -17.08 -11.41
CA ASP A 179 43.43 -16.35 -12.25
C ASP A 179 43.73 -14.95 -11.68
N TYR A 180 42.99 -14.55 -10.66
CA TYR A 180 43.37 -13.42 -9.81
C TYR A 180 44.60 -13.80 -8.98
N ASP A 181 45.48 -12.86 -8.73
CA ASP A 181 46.59 -13.09 -7.78
C ASP A 181 46.16 -12.90 -6.33
N LEU A 182 45.11 -12.11 -6.15
CA LEU A 182 44.59 -11.77 -4.82
C LEU A 182 43.10 -11.70 -4.86
N LEU A 183 42.42 -12.38 -3.93
CA LEU A 183 40.96 -12.35 -3.81
C LEU A 183 40.58 -11.88 -2.41
N GLY A 184 39.83 -10.80 -2.33
CA GLY A 184 39.45 -10.13 -1.10
C GLY A 184 37.97 -10.30 -0.85
N PHE A 185 37.62 -10.47 0.42
CA PHE A 185 36.26 -10.73 0.84
C PHE A 185 35.90 -9.82 2.02
N GLN A 186 34.62 -9.64 2.23
CA GLN A 186 34.13 -8.77 3.31
C GLN A 186 34.34 -9.36 4.69
N THR A 187 34.23 -10.69 4.80
CA THR A 187 34.27 -11.39 6.09
C THR A 187 35.04 -12.71 5.98
N GLU A 188 35.46 -13.23 7.13
CA GLU A 188 36.22 -14.45 7.15
C GLU A 188 35.33 -15.63 6.62
N ASN A 189 34.04 -15.61 6.92
CA ASN A 189 33.16 -16.69 6.46
C ASN A 189 33.00 -16.71 4.94
N ASP A 190 33.05 -15.54 4.29
CA ASP A 190 33.04 -15.50 2.84
C ASP A 190 34.29 -16.10 2.26
N ARG A 191 35.42 -15.73 2.82
CA ARG A 191 36.70 -16.25 2.35
C ARG A 191 36.74 -17.77 2.47
N LEU A 192 36.35 -18.26 3.65
CA LEU A 192 36.31 -19.69 3.92
C LEU A 192 35.32 -20.39 3.03
N ALA A 193 34.18 -19.76 2.77
CA ALA A 193 33.19 -20.40 1.90
C ALA A 193 33.75 -20.52 0.48
N PHE A 194 34.43 -19.49 -0.02
CA PHE A 194 35.08 -19.61 -1.32
C PHE A 194 36.03 -20.81 -1.34
N LEU A 195 36.90 -20.90 -0.31
CA LEU A 195 37.90 -21.95 -0.26
C LEU A 195 37.27 -23.34 -0.15
N ASP A 196 36.18 -23.45 0.59
CA ASP A 196 35.40 -24.68 0.73
C ASP A 196 34.81 -25.16 -0.59
N CYS A 197 34.17 -24.23 -1.31
CA CYS A 197 33.75 -24.49 -2.67
C CYS A 197 34.91 -24.95 -3.55
N LEU A 198 36.07 -24.28 -3.45
CA LEU A 198 37.20 -24.62 -4.31
C LEU A 198 37.71 -26.02 -3.98
N SER A 199 37.81 -26.32 -2.69
CA SER A 199 38.31 -27.62 -2.21
C SER A 199 37.42 -28.78 -2.55
N ASN A 200 36.12 -28.51 -2.76
CA ASN A 200 35.22 -29.57 -3.15
C ASN A 200 35.31 -29.93 -4.64
N LEU A 201 35.73 -28.98 -5.45
CA LEU A 201 35.96 -29.19 -6.87
C LEU A 201 37.33 -29.84 -7.23
N THR A 202 38.37 -29.43 -6.51
CA THR A 202 39.77 -29.69 -6.90
C THR A 202 40.68 -29.60 -5.66
N ARG A 203 41.84 -30.23 -5.73
CA ARG A 203 42.79 -30.23 -4.62
C ARG A 203 43.41 -28.83 -4.45
N VAL A 204 43.21 -28.21 -3.30
CA VAL A 204 43.91 -26.93 -3.03
C VAL A 204 44.95 -27.08 -1.91
N THR A 205 46.13 -26.54 -2.20
CA THR A 205 47.25 -26.52 -1.27
C THR A 205 47.23 -25.16 -0.63
N THR A 206 47.25 -25.13 0.70
CA THR A 206 47.16 -23.88 1.44
C THR A 206 48.34 -23.78 2.42
N ARG A 207 48.99 -22.62 2.48
CA ARG A 207 49.99 -22.32 3.49
C ARG A 207 49.59 -21.08 4.28
N SER A 208 49.83 -21.11 5.59
CA SER A 208 49.53 -19.98 6.47
C SER A 208 48.14 -19.39 6.14
N ALA A 209 47.17 -20.28 5.95
CA ALA A 209 45.75 -19.94 5.82
C ALA A 209 45.34 -19.16 4.58
N LYS A 210 46.23 -18.36 3.99
CA LYS A 210 45.82 -17.32 3.01
C LYS A 210 46.59 -17.34 1.70
N SER A 211 47.46 -18.31 1.52
CA SER A 211 48.24 -18.48 0.30
C SER A 211 47.97 -19.87 -0.30
N HIS A 212 47.57 -19.89 -1.56
CA HIS A 212 46.94 -21.08 -2.13
C HIS A 212 47.48 -21.42 -3.50
N THR A 213 47.32 -22.68 -3.86
CA THR A 213 47.50 -23.15 -5.21
C THR A 213 46.30 -24.04 -5.56
N ALA A 214 45.73 -23.81 -6.73
CA ALA A 214 44.74 -24.76 -7.30
C ALA A 214 44.99 -24.87 -8.80
N TRP A 215 45.00 -26.11 -9.31
CA TRP A 215 45.31 -26.40 -10.72
C TRP A 215 46.64 -25.79 -11.14
N GLY A 216 47.59 -25.68 -10.21
CA GLY A 216 48.89 -25.09 -10.51
C GLY A 216 48.91 -23.56 -10.54
N LYS A 217 47.80 -22.94 -10.18
CA LYS A 217 47.66 -21.51 -10.16
C LYS A 217 47.78 -21.00 -8.72
N ALA A 218 48.69 -20.04 -8.53
CA ALA A 218 48.93 -19.44 -7.22
C ALA A 218 48.05 -18.20 -7.00
N PHE A 219 47.51 -18.11 -5.80
CA PHE A 219 46.72 -16.93 -5.43
C PHE A 219 46.61 -16.82 -3.91
N ARG A 220 46.26 -15.63 -3.45
CA ARG A 220 46.10 -15.41 -2.05
C ARG A 220 44.68 -15.00 -1.78
N THR A 221 44.21 -15.26 -0.57
CA THR A 221 42.94 -14.70 -0.11
C THR A 221 43.14 -13.85 1.14
N GLU A 222 42.19 -12.95 1.34
CA GLU A 222 42.25 -12.05 2.46
C GLU A 222 40.89 -11.42 2.69
N VAL A 223 40.68 -10.96 3.91
CA VAL A 223 39.47 -10.31 4.36
C VAL A 223 39.75 -8.81 4.51
N TYR A 224 38.93 -7.98 3.87
CA TYR A 224 39.03 -6.53 4.00
C TYR A 224 37.61 -6.00 4.16
N PRO A 225 37.13 -5.87 5.39
CA PRO A 225 35.77 -5.36 5.65
C PRO A 225 35.70 -3.88 5.26
N ILE A 226 34.84 -3.55 4.30
CA ILE A 226 34.81 -2.15 3.81
C ILE A 226 34.26 -1.22 4.89
N GLY A 227 34.78 0.00 4.89
CA GLY A 227 34.45 0.97 5.92
C GLY A 227 34.06 2.32 5.38
N ILE A 228 34.05 3.30 6.27
CA ILE A 228 33.57 4.63 5.90
C ILE A 228 34.65 5.65 6.25
N GLU A 229 34.37 6.91 5.93
CA GLU A 229 35.25 8.01 6.26
C GLU A 229 34.68 8.73 7.48
N PRO A 230 35.05 8.35 8.70
CA PRO A 230 34.36 8.84 9.92
C PRO A 230 34.35 10.36 10.11
N LYS A 231 35.48 11.00 9.80
CA LYS A 231 35.62 12.45 9.91
C LYS A 231 34.80 13.24 8.88
N GLU A 232 34.69 12.72 7.66
CA GLU A 232 33.86 13.33 6.64
C GLU A 232 32.40 13.15 7.00
N ILE A 233 32.02 11.96 7.50
CA ILE A 233 30.63 11.71 7.83
C ILE A 233 30.20 12.60 9.00
N ALA A 234 31.06 12.74 10.01
CA ALA A 234 30.75 13.56 11.17
C ALA A 234 30.55 15.01 10.74
N LYS A 235 31.39 15.50 9.85
CA LYS A 235 31.26 16.85 9.31
C LYS A 235 29.95 17.01 8.55
N GLN A 236 29.70 16.14 7.58
CA GLN A 236 28.45 16.17 6.84
C GLN A 236 27.26 16.11 7.80
N ALA A 237 27.30 15.19 8.76
CA ALA A 237 26.19 14.94 9.69
C ALA A 237 25.90 16.08 10.62
N ALA A 238 26.93 16.83 11.00
CA ALA A 238 26.80 17.94 11.93
C ALA A 238 26.32 19.23 11.25
N GLY A 239 26.38 19.27 9.92
CA GLY A 239 26.01 20.43 9.15
C GLY A 239 24.51 20.71 9.23
N PRO A 240 24.11 21.96 9.05
CA PRO A 240 22.70 22.32 9.19
C PRO A 240 21.79 21.59 8.18
N LEU A 241 20.59 21.22 8.64
CA LEU A 241 19.58 20.64 7.77
C LEU A 241 19.14 21.73 6.78
N PRO A 242 18.64 21.33 5.61
CA PRO A 242 18.00 22.30 4.72
C PRO A 242 16.79 22.88 5.46
N PRO A 243 16.43 24.15 5.26
CA PRO A 243 15.42 24.80 6.10
C PRO A 243 14.12 23.97 6.35
N LYS A 244 13.62 23.28 5.33
CA LYS A 244 12.36 22.58 5.50
C LYS A 244 12.53 21.39 6.44
N LEU A 245 13.73 20.83 6.44
CA LEU A 245 14.03 19.72 7.31
C LEU A 245 14.40 20.17 8.75
N ALA A 246 14.98 21.37 8.87
CA ALA A 246 15.28 21.97 10.16
C ALA A 246 13.94 22.22 10.87
N GLN A 247 12.98 22.74 10.11
CA GLN A 247 11.62 22.96 10.60
C GLN A 247 11.04 21.64 11.13
N LEU A 248 11.21 20.56 10.36
CA LEU A 248 10.65 19.26 10.71
C LEU A 248 11.25 18.69 11.99
N LYS A 249 12.58 18.74 12.10
CA LYS A 249 13.26 18.25 13.30
C LYS A 249 12.67 18.93 14.54
N ALA A 250 12.44 20.24 14.43
CA ALA A 250 11.91 21.01 15.55
C ALA A 250 10.46 20.65 15.90
N GLU A 251 9.66 20.32 14.88
CA GLU A 251 8.25 19.92 15.05
C GLU A 251 8.11 18.51 15.68
N LEU A 252 9.18 17.71 15.60
CA LEU A 252 9.22 16.35 16.14
C LEU A 252 9.84 16.24 17.53
N LYS A 253 9.88 17.34 18.29
CA LYS A 253 10.47 17.31 19.64
C LYS A 253 9.98 16.08 20.43
N ASN A 254 8.67 15.83 20.43
CA ASN A 254 8.09 14.73 21.21
C ASN A 254 7.90 13.41 20.44
N VAL A 255 8.71 13.20 19.40
CA VAL A 255 8.59 12.02 18.57
C VAL A 255 9.98 11.43 18.38
N GLN A 256 10.13 10.18 18.79
CA GLN A 256 11.33 9.43 18.45
C GLN A 256 11.24 8.86 17.05
N ASN A 257 12.33 9.00 16.32
CA ASN A 257 12.42 8.59 14.93
C ASN A 257 13.25 7.30 14.86
N ILE A 258 12.68 6.26 14.26
CA ILE A 258 13.37 5.05 13.87
C ILE A 258 13.57 5.20 12.40
N PHE A 259 14.80 5.02 11.93
CA PHE A 259 15.12 5.26 10.56
C PHE A 259 15.84 4.09 9.92
N SER A 260 15.57 3.85 8.64
CA SER A 260 16.17 2.81 7.84
C SER A 260 16.34 3.33 6.42
N VAL A 261 17.44 2.96 5.79
CA VAL A 261 17.67 3.31 4.42
C VAL A 261 18.42 2.21 3.71
N GLU A 262 17.89 1.81 2.58
CA GLU A 262 18.62 0.95 1.63
C GLU A 262 17.95 0.93 0.29
N ARG A 263 18.70 0.48 -0.71
CA ARG A 263 18.10 -0.02 -1.93
C ARG A 263 16.98 -1.02 -1.61
N LEU A 264 15.88 -0.91 -2.37
CA LEU A 264 14.74 -1.81 -2.28
C LEU A 264 15.14 -3.15 -2.90
N ASP A 265 15.79 -3.96 -2.07
CA ASP A 265 16.34 -5.25 -2.49
C ASP A 265 15.80 -6.33 -1.53
N TYR A 266 15.50 -7.51 -2.06
CA TYR A 266 15.08 -8.65 -1.24
C TYR A 266 16.13 -9.14 -0.22
N SER A 267 17.40 -8.82 -0.44
CA SER A 267 18.42 -9.11 0.58
C SER A 267 18.23 -8.35 1.88
N LYS A 268 17.56 -7.21 1.83
CA LYS A 268 17.51 -6.28 2.96
C LYS A 268 16.39 -6.57 3.97
N GLY A 269 15.55 -7.55 3.66
CA GLY A 269 14.52 -8.01 4.58
C GLY A 269 13.47 -6.97 4.96
N LEU A 270 13.06 -6.18 3.98
CA LEU A 270 12.23 -5.04 4.30
C LEU A 270 10.83 -5.42 4.76
N PRO A 271 10.17 -6.39 4.13
CA PRO A 271 8.86 -6.85 4.63
C PRO A 271 8.96 -7.46 6.03
N GLU A 272 9.99 -8.24 6.30
CA GLU A 272 10.20 -8.82 7.62
C GLU A 272 10.40 -7.70 8.68
N ARG A 273 11.03 -6.60 8.25
CA ARG A 273 11.25 -5.44 9.07
C ARG A 273 9.94 -4.74 9.40
N PHE A 274 9.12 -4.56 8.37
CA PHE A 274 7.82 -3.93 8.55
C PHE A 274 7.00 -4.78 9.51
N LEU A 275 7.18 -6.09 9.45
CA LEU A 275 6.48 -7.03 10.32
C LEU A 275 6.96 -6.92 11.76
N ALA A 276 8.26 -6.69 11.93
CA ALA A 276 8.80 -6.40 13.24
C ALA A 276 8.24 -5.08 13.80
N TYR A 277 8.06 -4.04 12.96
CA TYR A 277 7.50 -2.78 13.46
C TYR A 277 6.05 -2.99 13.86
N GLU A 278 5.33 -3.78 13.08
CA GLU A 278 3.97 -4.14 13.44
C GLU A 278 3.91 -4.78 14.84
N ALA A 279 4.88 -5.62 15.10
CA ALA A 279 4.92 -6.35 16.35
C ALA A 279 5.23 -5.39 17.51
N LEU A 280 6.06 -4.39 17.26
CA LEU A 280 6.29 -3.32 18.20
C LEU A 280 5.01 -2.58 18.53
N LEU A 281 4.28 -2.13 17.50
CA LEU A 281 3.02 -1.39 17.64
C LEU A 281 1.94 -2.25 18.35
N GLU A 282 1.94 -3.55 18.09
CA GLU A 282 0.93 -4.45 18.66
C GLU A 282 1.18 -4.70 20.14
N LYS A 283 2.42 -5.06 20.45
CA LYS A 283 2.81 -5.54 21.77
C LYS A 283 3.36 -4.45 22.68
N TYR A 284 3.59 -3.26 22.13
CA TYR A 284 4.12 -2.15 22.93
C TYR A 284 3.31 -0.88 22.65
N PRO A 285 2.02 -0.86 22.99
CA PRO A 285 1.13 0.25 22.63
C PRO A 285 1.47 1.63 23.26
N GLN A 286 2.33 1.64 24.27
CA GLN A 286 2.81 2.89 24.88
C GLN A 286 3.55 3.78 23.89
N HIS A 287 4.06 3.20 22.81
CA HIS A 287 4.72 4.00 21.78
C HIS A 287 3.77 4.65 20.77
N HIS A 288 2.47 4.33 20.82
CA HIS A 288 1.52 4.88 19.86
C HIS A 288 1.51 6.42 19.90
N GLY A 289 1.59 7.03 18.74
CA GLY A 289 1.56 8.48 18.64
C GLY A 289 2.86 9.16 19.05
N LYS A 290 3.86 8.39 19.50
CA LYS A 290 5.10 8.94 20.09
C LYS A 290 6.36 8.50 19.35
N ILE A 291 6.21 7.60 18.37
CA ILE A 291 7.31 7.18 17.51
C ILE A 291 6.93 7.23 16.04
N ARG A 292 7.97 7.21 15.21
CA ARG A 292 7.82 7.15 13.77
C ARG A 292 8.94 6.30 13.20
N TYR A 293 8.59 5.42 12.25
CA TYR A 293 9.54 4.60 11.54
C TYR A 293 9.49 5.09 10.10
N THR A 294 10.63 5.55 9.59
CA THR A 294 10.73 6.02 8.20
C THR A 294 11.67 5.04 7.50
N GLN A 295 11.19 4.49 6.37
CA GLN A 295 11.96 3.61 5.54
C GLN A 295 12.16 4.28 4.22
N ILE A 296 13.41 4.60 3.91
CA ILE A 296 13.82 5.13 2.62
C ILE A 296 14.33 3.95 1.78
N ALA A 297 13.72 3.75 0.62
CA ALA A 297 14.00 2.58 -0.19
C ALA A 297 13.86 2.91 -1.66
N PRO A 298 14.89 3.53 -2.23
CA PRO A 298 14.89 3.78 -3.68
C PRO A 298 14.81 2.47 -4.48
N THR A 299 14.02 2.44 -5.54
CA THR A 299 14.02 1.31 -6.45
C THR A 299 15.40 1.00 -7.02
N SER A 300 15.68 -0.29 -7.07
CA SER A 300 16.93 -0.84 -7.54
C SER A 300 16.58 -1.95 -8.52
N ARG A 301 17.24 -1.94 -9.68
CA ARG A 301 17.12 -3.05 -10.62
C ARG A 301 15.66 -3.39 -10.93
N GLY A 302 14.87 -2.36 -11.20
CA GLY A 302 13.43 -2.51 -11.37
C GLY A 302 13.01 -3.22 -12.64
N ASP A 303 13.95 -3.59 -13.50
CA ASP A 303 13.64 -4.38 -14.69
C ASP A 303 13.56 -5.88 -14.37
N VAL A 304 14.01 -6.24 -13.19
CA VAL A 304 14.14 -7.64 -12.80
C VAL A 304 12.87 -8.03 -12.03
N GLN A 305 12.23 -9.10 -12.46
CA GLN A 305 10.99 -9.54 -11.85
C GLN A 305 10.99 -9.66 -10.31
N ALA A 306 12.01 -10.29 -9.73
CA ALA A 306 12.06 -10.46 -8.27
C ALA A 306 12.10 -9.12 -7.55
N TYR A 307 12.78 -8.12 -8.12
CA TYR A 307 12.75 -6.78 -7.56
C TYR A 307 11.36 -6.09 -7.65
N GLN A 308 10.64 -6.23 -8.75
CA GLN A 308 9.27 -5.69 -8.82
C GLN A 308 8.38 -6.38 -7.80
N ASP A 309 8.61 -7.67 -7.55
CA ASP A 309 7.77 -8.42 -6.63
C ASP A 309 7.94 -7.89 -5.22
N ILE A 310 9.18 -7.68 -4.78
CA ILE A 310 9.46 -7.28 -3.40
C ILE A 310 8.95 -5.85 -3.17
N ARG A 311 9.10 -5.00 -4.18
CA ARG A 311 8.52 -3.65 -4.14
C ARG A 311 7.01 -3.69 -3.93
N HIS A 312 6.29 -4.49 -4.72
CA HIS A 312 4.84 -4.58 -4.55
C HIS A 312 4.48 -5.17 -3.17
N GLN A 313 5.25 -6.15 -2.72
CA GLN A 313 5.04 -6.75 -1.39
C GLN A 313 5.21 -5.68 -0.30
N LEU A 314 6.23 -4.85 -0.44
CA LEU A 314 6.53 -3.82 0.57
C LEU A 314 5.45 -2.74 0.60
N GLU A 315 4.99 -2.29 -0.57
CA GLU A 315 3.91 -1.31 -0.67
C GLU A 315 2.67 -1.83 0.02
N ASN A 316 2.37 -3.11 -0.19
CA ASN A 316 1.18 -3.68 0.41
C ASN A 316 1.30 -3.58 1.90
N GLU A 317 2.48 -3.84 2.44
CA GLU A 317 2.65 -3.91 3.88
C GLU A 317 2.60 -2.53 4.53
N ALA A 318 3.11 -1.51 3.84
CA ALA A 318 3.00 -0.13 4.30
C ALA A 318 1.56 0.25 4.43
N GLY A 319 0.77 -0.06 3.42
CA GLY A 319 -0.63 0.30 3.40
C GLY A 319 -1.40 -0.46 4.46
N ARG A 320 -1.07 -1.74 4.63
CA ARG A 320 -1.76 -2.58 5.58
C ARG A 320 -1.50 -2.09 7.00
N ILE A 321 -0.23 -1.91 7.33
CA ILE A 321 0.17 -1.54 8.68
C ILE A 321 -0.38 -0.19 9.07
N ASN A 322 -0.21 0.82 8.19
CA ASN A 322 -0.80 2.14 8.41
C ASN A 322 -2.31 2.06 8.44
N GLY A 323 -2.88 1.13 7.67
CA GLY A 323 -4.31 0.97 7.65
C GLY A 323 -4.87 0.48 8.98
N LYS A 324 -4.07 -0.28 9.70
CA LYS A 324 -4.49 -0.97 10.92
C LYS A 324 -4.13 -0.17 12.18
N TYR A 325 -2.95 0.45 12.21
CA TYR A 325 -2.47 1.16 13.41
C TYR A 325 -2.47 2.66 13.28
N GLY A 326 -2.71 3.16 12.08
CA GLY A 326 -2.78 4.59 11.87
C GLY A 326 -3.96 5.23 12.55
N GLN A 327 -3.81 6.51 12.83
CA GLN A 327 -4.88 7.31 13.39
C GLN A 327 -5.01 8.54 12.51
N LEU A 328 -6.07 9.28 12.73
CA LEU A 328 -6.33 10.49 11.97
C LEU A 328 -5.15 11.44 11.99
N GLY A 329 -4.49 11.57 13.14
CA GLY A 329 -3.35 12.45 13.30
C GLY A 329 -2.02 11.78 13.51
N TRP A 330 -1.87 10.53 13.04
CA TRP A 330 -0.64 9.77 13.25
C TRP A 330 -0.47 8.63 12.26
N THR A 331 0.50 8.78 11.36
CA THR A 331 0.94 7.70 10.50
C THR A 331 2.17 7.04 11.13
N PRO A 332 2.05 5.77 11.51
CA PRO A 332 3.18 5.04 12.11
C PRO A 332 4.36 4.84 11.19
N LEU A 333 4.11 4.53 9.92
CA LEU A 333 5.14 4.11 8.98
C LEU A 333 5.15 5.05 7.78
N TYR A 334 6.28 5.72 7.57
CA TYR A 334 6.52 6.59 6.43
C TYR A 334 7.43 5.79 5.46
N TYR A 335 6.90 5.42 4.30
CA TYR A 335 7.65 4.69 3.30
C TYR A 335 7.88 5.59 2.11
N LEU A 336 9.14 5.74 1.72
CA LEU A 336 9.53 6.64 0.63
C LEU A 336 10.38 5.84 -0.34
N ASN A 337 9.83 5.65 -1.52
CA ASN A 337 10.46 4.92 -2.60
C ASN A 337 11.26 5.93 -3.41
N GLN A 338 12.28 6.49 -2.78
CA GLN A 338 12.94 7.68 -3.28
C GLN A 338 14.41 7.67 -2.90
N HIS A 339 15.25 8.20 -3.76
CA HIS A 339 16.66 8.28 -3.46
C HIS A 339 16.95 9.58 -2.72
N PHE A 340 17.74 9.50 -1.65
CA PHE A 340 18.16 10.67 -0.91
C PHE A 340 19.66 10.84 -1.05
N ASP A 341 20.10 12.08 -1.25
CA ASP A 341 21.54 12.36 -1.22
C ASP A 341 22.21 11.86 0.07
N ARG A 342 23.39 11.28 -0.09
CA ARG A 342 24.13 10.69 1.02
C ARG A 342 24.47 11.71 2.11
N LYS A 343 24.82 12.92 1.69
CA LYS A 343 25.17 13.99 2.65
C LYS A 343 24.00 14.37 3.52
N LEU A 344 22.83 14.47 2.90
CA LEU A 344 21.62 14.71 3.63
C LEU A 344 21.32 13.55 4.62
N LEU A 345 21.47 12.32 4.15
CA LEU A 345 21.19 11.16 4.98
C LEU A 345 22.01 11.15 6.26
N MET A 346 23.24 11.63 6.24
CA MET A 346 24.06 11.67 7.45
C MET A 346 23.41 12.56 8.48
N LYS A 347 22.88 13.69 8.02
CA LYS A 347 22.18 14.61 8.92
C LYS A 347 20.89 13.99 9.49
N ILE A 348 20.14 13.25 8.68
CA ILE A 348 18.93 12.58 9.14
C ILE A 348 19.29 11.49 10.18
N PHE A 349 20.33 10.70 9.92
CA PHE A 349 20.83 9.72 10.89
C PHE A 349 21.12 10.38 12.24
N ARG A 350 21.78 11.54 12.23
CA ARG A 350 22.14 12.24 13.45
C ARG A 350 20.91 12.60 14.28
N TYR A 351 19.86 13.12 13.62
CA TYR A 351 18.70 13.57 14.38
C TYR A 351 17.80 12.42 14.78
N SER A 352 17.96 11.27 14.12
CA SER A 352 17.20 10.07 14.45
C SER A 352 17.64 9.49 15.78
N ASP A 353 16.75 8.71 16.38
CA ASP A 353 17.02 8.08 17.67
C ASP A 353 17.40 6.63 17.54
N VAL A 354 16.93 5.96 16.50
CA VAL A 354 17.24 4.57 16.28
C VAL A 354 17.54 4.32 14.79
N GLY A 355 18.63 3.62 14.52
CA GLY A 355 18.89 3.06 13.21
C GLY A 355 18.55 1.59 13.16
N LEU A 356 17.64 1.23 12.25
CA LEU A 356 17.17 -0.13 12.05
C LEU A 356 17.75 -0.68 10.74
N VAL A 357 18.76 -1.53 10.88
CA VAL A 357 19.48 -2.10 9.74
C VAL A 357 19.44 -3.60 9.93
N THR A 358 18.43 -4.25 9.35
CA THR A 358 18.21 -5.69 9.57
C THR A 358 18.09 -6.54 8.30
N PRO A 359 19.13 -6.52 7.47
CA PRO A 359 19.11 -7.33 6.26
C PRO A 359 19.10 -8.81 6.57
N LEU A 360 18.57 -9.56 5.63
CA LEU A 360 18.63 -11.03 5.71
C LEU A 360 20.01 -11.58 5.33
N ARG A 361 20.68 -10.90 4.41
CA ARG A 361 22.05 -11.23 4.05
C ARG A 361 22.67 -9.99 3.47
N ASP A 362 23.86 -9.62 3.94
CA ASP A 362 24.53 -8.43 3.42
C ASP A 362 26.03 -8.58 3.56
N GLY A 363 26.73 -8.35 2.45
CA GLY A 363 28.17 -8.38 2.42
C GLY A 363 28.76 -7.61 3.59
N MET A 364 28.34 -6.36 3.79
CA MET A 364 28.81 -5.58 4.93
C MET A 364 27.66 -4.76 5.49
N ASN A 365 27.20 -3.82 4.67
CA ASN A 365 26.19 -2.83 5.00
C ASN A 365 26.86 -1.61 5.58
N LEU A 366 27.13 -0.67 4.68
CA LEU A 366 27.73 0.57 5.04
C LEU A 366 26.79 1.47 5.82
N VAL A 367 25.49 1.36 5.58
CA VAL A 367 24.50 2.17 6.28
C VAL A 367 24.65 2.00 7.78
N ALA A 368 24.93 0.78 8.24
CA ALA A 368 25.12 0.53 9.66
C ALA A 368 26.30 1.34 10.18
N LYS A 369 27.39 1.39 9.42
CA LYS A 369 28.58 2.12 9.87
C LYS A 369 28.36 3.62 9.76
N GLU A 370 27.72 4.07 8.68
CA GLU A 370 27.35 5.47 8.52
C GLU A 370 26.52 5.98 9.68
N TYR A 371 25.53 5.19 10.06
CA TYR A 371 24.64 5.53 11.14
C TYR A 371 25.45 5.85 12.40
N VAL A 372 26.39 5.00 12.77
CA VAL A 372 27.07 5.27 14.03
C VAL A 372 27.99 6.49 13.91
N ALA A 373 28.69 6.63 12.79
CA ALA A 373 29.64 7.71 12.60
C ALA A 373 28.94 9.08 12.60
N ALA A 374 27.69 9.08 12.20
CA ALA A 374 26.92 10.28 12.05
C ALA A 374 26.35 10.76 13.38
N GLN A 375 26.32 9.94 14.42
CA GLN A 375 25.71 10.35 15.68
C GLN A 375 26.51 11.45 16.40
N ASP A 376 25.79 12.29 17.13
CA ASP A 376 26.37 13.18 18.12
C ASP A 376 26.90 12.28 19.24
N PRO A 377 28.23 12.22 19.49
CA PRO A 377 28.75 11.30 20.51
C PRO A 377 28.30 11.70 21.94
N ALA A 378 27.81 12.91 22.10
CA ALA A 378 27.30 13.38 23.39
C ALA A 378 25.79 13.16 23.57
N ASN A 379 25.09 12.74 22.50
CA ASN A 379 23.68 12.30 22.59
C ASN A 379 23.34 11.34 21.43
N PRO A 380 23.96 10.16 21.42
CA PRO A 380 23.88 9.29 20.26
C PRO A 380 22.65 8.37 20.19
N GLY A 381 22.11 8.21 18.98
CA GLY A 381 21.17 7.15 18.63
C GLY A 381 21.67 5.72 18.85
N VAL A 382 20.75 4.77 18.74
CA VAL A 382 21.01 3.35 18.88
C VAL A 382 20.86 2.57 17.56
N LEU A 383 21.85 1.73 17.28
CA LEU A 383 21.83 0.84 16.12
C LEU A 383 21.26 -0.52 16.52
N VAL A 384 20.19 -0.91 15.85
CA VAL A 384 19.67 -2.28 15.84
C VAL A 384 20.10 -2.97 14.55
N LEU A 385 20.85 -4.06 14.68
CA LEU A 385 21.60 -4.64 13.56
C LEU A 385 21.36 -6.13 13.45
N SER A 386 21.02 -6.58 12.25
CA SER A 386 20.93 -8.01 11.96
C SER A 386 22.28 -8.73 12.09
N GLN A 387 22.25 -9.88 12.76
CA GLN A 387 23.43 -10.76 12.83
C GLN A 387 23.86 -11.27 11.46
N PHE A 388 23.05 -11.08 10.43
CA PHE A 388 23.42 -11.49 9.09
C PHE A 388 24.05 -10.43 8.19
N ALA A 389 24.24 -9.21 8.69
CA ALA A 389 25.08 -8.23 7.97
C ALA A 389 26.51 -8.50 8.31
N GLY A 390 27.41 -8.43 7.32
CA GLY A 390 28.82 -8.56 7.60
C GLY A 390 29.33 -7.60 8.66
N ALA A 391 28.69 -6.42 8.76
CA ALA A 391 29.02 -5.43 9.75
C ALA A 391 28.92 -5.92 11.19
N ALA A 392 28.09 -6.93 11.41
CA ALA A 392 27.83 -7.43 12.77
C ALA A 392 29.03 -8.09 13.37
N ASN A 393 29.92 -8.60 12.51
CA ASN A 393 31.22 -9.08 12.96
C ASN A 393 32.03 -8.01 13.71
N GLU A 394 31.93 -6.77 13.27
CA GLU A 394 32.65 -5.73 13.97
C GLU A 394 31.79 -4.81 14.85
N LEU A 395 30.48 -4.62 14.56
CA LEU A 395 29.63 -3.75 15.36
C LEU A 395 28.91 -4.52 16.47
N THR A 396 29.74 -5.14 17.30
CA THR A 396 29.34 -6.02 18.38
C THR A 396 28.54 -5.37 19.52
N SER A 397 28.72 -4.05 19.71
CA SER A 397 27.97 -3.30 20.71
C SER A 397 26.65 -2.75 20.18
N ALA A 398 26.32 -3.06 18.93
CA ALA A 398 24.97 -2.77 18.44
C ALA A 398 24.00 -3.68 19.17
N LEU A 399 22.70 -3.41 19.06
CA LEU A 399 21.71 -4.36 19.50
C LEU A 399 21.55 -5.35 18.35
N ILE A 400 22.14 -6.53 18.51
CA ILE A 400 22.22 -7.55 17.48
C ILE A 400 20.96 -8.41 17.53
N VAL A 401 20.32 -8.63 16.38
CA VAL A 401 19.06 -9.34 16.32
C VAL A 401 18.98 -10.31 15.17
N ASN A 402 18.09 -11.28 15.32
CA ASN A 402 17.71 -12.22 14.28
C ASN A 402 16.38 -11.83 13.62
N PRO A 403 16.43 -11.35 12.38
CA PRO A 403 15.21 -10.88 11.70
C PRO A 403 14.14 -11.94 11.42
N TYR A 404 14.49 -13.22 11.52
CA TYR A 404 13.51 -14.30 11.40
C TYR A 404 12.60 -14.37 12.64
N ASP A 405 13.03 -13.70 13.72
CA ASP A 405 12.24 -13.59 14.98
C ASP A 405 11.71 -12.17 15.14
N ARG A 406 10.55 -11.88 14.58
CA ARG A 406 10.08 -10.53 14.57
C ARG A 406 9.90 -9.93 15.95
N ASP A 407 9.64 -10.77 16.94
CA ASP A 407 9.46 -10.30 18.31
C ASP A 407 10.78 -9.90 18.97
N GLU A 408 11.88 -10.56 18.61
CA GLU A 408 13.19 -10.16 19.08
C GLU A 408 13.54 -8.80 18.49
N VAL A 409 13.25 -8.57 17.22
CA VAL A 409 13.52 -7.27 16.61
C VAL A 409 12.69 -6.17 17.29
N ALA A 410 11.41 -6.46 17.51
CA ALA A 410 10.50 -5.55 18.22
C ALA A 410 11.02 -5.21 19.63
N ALA A 411 11.54 -6.20 20.33
CA ALA A 411 12.05 -5.99 21.68
C ALA A 411 13.30 -5.11 21.67
N ALA A 412 14.12 -5.29 20.64
CA ALA A 412 15.32 -4.47 20.51
C ALA A 412 14.94 -3.03 20.15
N LEU A 413 13.90 -2.84 19.34
CA LEU A 413 13.41 -1.50 19.09
C LEU A 413 12.89 -0.83 20.37
N ASP A 414 12.11 -1.55 21.15
CA ASP A 414 11.65 -1.04 22.45
C ASP A 414 12.84 -0.73 23.34
N ARG A 415 13.83 -1.63 23.37
CA ARG A 415 15.02 -1.42 24.19
C ARG A 415 15.81 -0.16 23.75
N ALA A 416 16.00 -0.02 22.43
CA ALA A 416 16.59 1.15 21.84
C ALA A 416 15.85 2.43 22.16
N LEU A 417 14.54 2.42 22.03
CA LEU A 417 13.74 3.62 22.32
C LEU A 417 13.83 4.10 23.75
N THR A 418 14.18 3.22 24.68
CA THR A 418 14.16 3.59 26.08
C THR A 418 15.54 3.55 26.74
N MET A 419 16.60 3.43 25.96
CA MET A 419 17.93 3.24 26.53
C MET A 419 18.41 4.56 27.16
N SER A 420 19.00 4.44 28.35
CA SER A 420 19.61 5.58 29.02
C SER A 420 20.73 6.19 28.20
N LEU A 421 20.94 7.50 28.38
CA LEU A 421 22.06 8.20 27.76
C LEU A 421 23.41 7.50 28.02
N ALA A 422 23.65 7.05 29.25
CA ALA A 422 24.93 6.40 29.56
C ALA A 422 25.16 5.13 28.75
N GLU A 423 24.14 4.32 28.58
CA GLU A 423 24.32 3.10 27.81
C GLU A 423 24.42 3.41 26.29
N ARG A 424 23.69 4.42 25.80
CA ARG A 424 23.77 4.78 24.38
C ARG A 424 25.17 5.28 24.04
N ILE A 425 25.77 6.04 24.95
CA ILE A 425 27.13 6.58 24.76
C ILE A 425 28.14 5.44 24.73
N SER A 426 28.04 4.57 25.71
CA SER A 426 28.92 3.43 25.83
C SER A 426 28.87 2.52 24.57
N ARG A 427 27.68 2.21 24.08
CA ARG A 427 27.55 1.37 22.91
C ARG A 427 28.08 2.13 21.69
N HIS A 428 27.74 3.41 21.60
CA HIS A 428 28.12 4.19 20.43
C HIS A 428 29.63 4.34 20.35
N ALA A 429 30.25 4.67 21.47
CA ALA A 429 31.69 4.94 21.52
C ALA A 429 32.47 3.70 21.15
N GLU A 430 32.00 2.54 21.61
CA GLU A 430 32.64 1.28 21.27
C GLU A 430 32.56 0.93 19.78
N MET A 431 31.41 1.19 19.15
CA MET A 431 31.26 0.99 17.72
C MET A 431 32.06 1.98 16.93
N LEU A 432 32.04 3.23 17.36
CA LEU A 432 32.76 4.29 16.66
C LEU A 432 34.24 4.00 16.67
N ASP A 433 34.75 3.49 17.78
CA ASP A 433 36.18 3.19 17.88
C ASP A 433 36.60 2.12 16.85
N VAL A 434 35.79 1.08 16.73
CA VAL A 434 35.99 0.02 15.73
C VAL A 434 35.97 0.59 14.28
N ILE A 435 35.04 1.46 13.97
CA ILE A 435 34.99 1.98 12.61
C ILE A 435 36.01 3.07 12.32
N VAL A 436 36.55 3.72 13.37
CA VAL A 436 37.64 4.67 13.17
C VAL A 436 38.95 3.90 12.92
N LYS A 437 39.14 2.78 13.59
CA LYS A 437 40.36 2.03 13.42
C LYS A 437 40.36 1.20 12.14
N ASN A 438 39.22 0.91 11.56
CA ASN A 438 39.19 0.21 10.26
C ASN A 438 38.35 1.04 9.28
N ASP A 439 38.90 2.15 8.81
CA ASP A 439 38.14 3.09 8.00
C ASP A 439 38.38 2.79 6.51
N ILE A 440 37.74 3.53 5.62
CA ILE A 440 37.87 3.29 4.18
C ILE A 440 39.31 3.49 3.66
N ASN A 441 40.04 4.47 4.22
CA ASN A 441 41.47 4.64 3.94
C ASN A 441 42.28 3.35 4.28
N HIS A 442 42.07 2.82 5.48
CA HIS A 442 42.68 1.57 5.90
C HIS A 442 42.34 0.45 4.92
N TRP A 443 41.07 0.36 4.52
CA TRP A 443 40.60 -0.68 3.62
C TRP A 443 41.36 -0.65 2.31
N GLN A 444 41.40 0.51 1.67
CA GLN A 444 42.08 0.61 0.39
C GLN A 444 43.60 0.46 0.56
N GLU A 445 44.18 1.01 1.62
CA GLU A 445 45.63 0.92 1.85
C GLU A 445 46.08 -0.54 2.06
N CYS A 446 45.29 -1.32 2.79
CA CYS A 446 45.58 -2.75 2.96
C CYS A 446 45.45 -3.57 1.69
N PHE A 447 44.36 -3.38 0.95
CA PHE A 447 44.18 -4.08 -0.29
C PHE A 447 45.38 -3.77 -1.24
N ILE A 448 45.68 -2.49 -1.41
CA ILE A 448 46.71 -2.05 -2.37
C ILE A 448 48.08 -2.61 -1.93
N SER A 449 48.41 -2.44 -0.65
CA SER A 449 49.66 -2.97 -0.11
C SER A 449 49.80 -4.47 -0.40
N ASP A 450 48.76 -5.24 -0.15
CA ASP A 450 48.79 -6.69 -0.39
C ASP A 450 48.97 -6.97 -1.88
N LEU A 451 48.31 -6.20 -2.74
CA LEU A 451 48.42 -6.41 -4.17
C LEU A 451 49.81 -6.07 -4.73
N LYS A 452 50.47 -5.04 -4.19
CA LYS A 452 51.81 -4.66 -4.64
C LYS A 452 52.78 -5.78 -4.26
N GLN A 453 52.44 -6.52 -3.21
CA GLN A 453 53.34 -7.55 -2.68
C GLN A 453 53.47 -8.72 -3.65
N ILE A 454 52.47 -9.02 -4.45
CA ILE A 454 52.54 -10.25 -5.20
C ILE A 454 53.55 -10.14 -6.33
N VAL A 455 54.27 -11.23 -6.57
CA VAL A 455 55.26 -11.32 -7.62
C VAL A 455 54.48 -11.72 -8.86
N PRO A 456 54.46 -10.88 -9.89
CA PRO A 456 53.69 -11.20 -11.10
C PRO A 456 54.22 -12.43 -11.83
N ARG A 457 53.32 -13.18 -12.46
CA ARG A 457 53.71 -14.28 -13.36
C ARG A 457 54.60 -13.81 -14.51
N SER B 2 -53.98 3.37 10.82
CA SER B 2 -53.88 1.89 10.94
C SER B 2 -52.39 1.43 10.97
N ARG B 3 -52.14 0.17 11.48
CA ARG B 3 -50.76 -0.29 11.75
C ARG B 3 -49.77 -0.21 10.60
N LEU B 4 -48.49 -0.04 10.97
CA LEU B 4 -47.43 -0.15 10.04
C LEU B 4 -46.51 -1.30 10.43
N VAL B 5 -46.29 -2.20 9.48
CA VAL B 5 -45.43 -3.35 9.67
C VAL B 5 -44.30 -3.16 8.72
N VAL B 6 -43.11 -2.93 9.24
CA VAL B 6 -41.94 -2.76 8.39
C VAL B 6 -41.17 -4.06 8.42
N VAL B 7 -40.69 -4.53 7.27
CA VAL B 7 -39.75 -5.63 7.30
C VAL B 7 -38.49 -5.30 6.50
N SER B 8 -37.37 -5.63 7.13
CA SER B 8 -36.04 -5.26 6.62
C SER B 8 -35.05 -6.32 7.09
N ASN B 9 -34.06 -6.60 6.26
CA ASN B 9 -33.26 -7.79 6.48
C ASN B 9 -32.59 -7.72 7.84
N ARG B 10 -32.01 -6.57 8.16
CA ARG B 10 -31.44 -6.34 9.48
C ARG B 10 -32.26 -5.27 10.21
N ILE B 11 -32.27 -5.34 11.53
CA ILE B 11 -32.88 -4.28 12.33
C ILE B 11 -31.99 -3.87 13.50
N ALA B 12 -32.36 -2.76 14.13
CA ALA B 12 -31.72 -2.30 15.36
C ALA B 12 -32.75 -2.24 16.48
N PRO B 13 -32.58 -3.02 17.55
CA PRO B 13 -33.38 -2.83 18.78
C PRO B 13 -32.87 -1.65 19.63
N PRO B 14 -33.51 -1.40 20.76
CA PRO B 14 -32.99 -0.47 21.77
C PRO B 14 -31.50 -0.70 22.09
N ALA B 21 -28.14 5.94 16.17
CA ALA B 21 -28.84 5.30 15.06
C ALA B 21 -28.36 5.87 13.70
N GLY B 22 -28.82 5.30 12.60
CA GLY B 22 -28.39 5.71 11.26
C GLY B 22 -29.53 6.01 10.28
N GLY B 23 -29.22 6.58 9.12
CA GLY B 23 -30.21 7.18 8.23
C GLY B 23 -31.55 6.47 8.05
N LEU B 24 -31.50 5.22 7.62
CA LEU B 24 -32.70 4.42 7.38
C LEU B 24 -33.51 4.16 8.67
N ALA B 25 -32.82 3.75 9.73
CA ALA B 25 -33.50 3.45 11.01
C ALA B 25 -34.34 4.61 11.55
N VAL B 26 -33.91 5.85 11.34
CA VAL B 26 -34.66 7.01 11.84
C VAL B 26 -35.91 7.27 11.00
N GLY B 27 -35.89 6.96 9.71
CA GLY B 27 -37.11 7.03 8.90
C GLY B 27 -38.15 5.96 9.24
N ILE B 28 -37.71 4.72 9.44
CA ILE B 28 -38.58 3.63 9.83
C ILE B 28 -39.18 3.90 11.21
N LEU B 29 -38.36 4.44 12.13
CA LEU B 29 -38.81 4.73 13.49
C LEU B 29 -39.89 5.82 13.52
N GLY B 30 -39.73 6.83 12.65
CA GLY B 30 -40.70 7.91 12.55
C GLY B 30 -42.04 7.46 11.99
N ALA B 31 -42.01 6.58 10.99
CA ALA B 31 -43.23 6.07 10.38
C ALA B 31 -44.00 5.21 11.39
N LEU B 32 -43.25 4.46 12.18
CA LEU B 32 -43.78 3.59 13.21
C LEU B 32 -44.33 4.39 14.42
N LYS B 33 -43.74 5.55 14.70
CA LYS B 33 -44.17 6.38 15.83
C LYS B 33 -45.54 7.02 15.57
N ALA B 34 -45.77 7.40 14.31
CA ALA B 34 -46.99 8.09 13.90
C ALA B 34 -48.18 7.14 13.78
N ALA B 35 -47.89 5.89 13.37
CA ALA B 35 -48.91 4.89 13.03
C ALA B 35 -49.12 3.84 14.13
N GLY B 36 -48.05 3.59 14.90
CA GLY B 36 -47.95 2.44 15.79
C GLY B 36 -47.66 1.21 14.94
N GLY B 37 -46.81 0.29 15.42
CA GLY B 37 -46.50 -0.86 14.59
C GLY B 37 -45.60 -1.96 15.11
N LEU B 38 -44.83 -2.53 14.19
CA LEU B 38 -43.98 -3.68 14.46
C LEU B 38 -42.88 -3.73 13.38
N TRP B 39 -41.64 -3.97 13.78
CA TRP B 39 -40.48 -3.99 12.86
C TRP B 39 -39.87 -5.39 12.89
N PHE B 40 -40.07 -6.13 11.80
CA PHE B 40 -39.77 -7.56 11.69
C PHE B 40 -38.53 -7.78 10.83
N GLY B 41 -37.51 -8.42 11.39
CA GLY B 41 -36.29 -8.69 10.66
C GLY B 41 -35.32 -9.64 11.32
N TRP B 42 -34.27 -9.99 10.59
CA TRP B 42 -33.22 -10.90 11.06
C TRP B 42 -32.37 -10.24 12.16
N SER B 43 -31.78 -11.06 13.03
CA SER B 43 -30.88 -10.59 14.08
C SER B 43 -29.68 -11.50 13.94
N GLY B 44 -28.75 -11.06 13.09
CA GLY B 44 -27.85 -11.96 12.39
C GLY B 44 -26.64 -12.53 13.10
N GLU B 45 -26.81 -13.73 13.66
CA GLU B 45 -25.69 -14.49 14.22
C GLU B 45 -25.82 -16.04 14.08
N THR B 46 -26.84 -16.49 13.33
CA THR B 46 -27.11 -17.94 13.08
C THR B 46 -27.09 -18.89 14.30
N GLY B 47 -27.16 -20.19 14.03
CA GLY B 47 -26.82 -21.22 15.02
C GLY B 47 -27.94 -22.02 15.67
N ASN B 48 -29.13 -21.43 15.79
CA ASN B 48 -30.30 -22.16 16.34
C ASN B 48 -31.63 -21.57 15.90
N GLU B 49 -31.88 -21.71 14.60
CA GLU B 49 -33.12 -21.34 13.92
C GLU B 49 -34.45 -21.72 14.59
N ASP B 50 -34.46 -22.79 15.40
CA ASP B 50 -35.70 -23.42 15.85
C ASP B 50 -36.25 -22.94 17.21
N GLN B 51 -36.06 -21.65 17.52
CA GLN B 51 -36.61 -21.07 18.74
C GLN B 51 -37.70 -20.04 18.41
N PRO B 52 -38.46 -19.58 19.40
CA PRO B 52 -39.42 -18.49 19.20
C PRO B 52 -38.76 -17.17 18.73
N LEU B 53 -39.58 -16.21 18.34
CA LEU B 53 -39.12 -14.89 17.90
C LEU B 53 -38.67 -14.10 19.12
N LYS B 54 -37.50 -13.45 19.04
CA LYS B 54 -37.05 -12.58 20.13
C LYS B 54 -37.83 -11.26 20.02
N LYS B 55 -38.81 -11.08 20.90
CA LYS B 55 -39.70 -9.91 20.89
C LYS B 55 -39.35 -8.93 22.02
N VAL B 56 -39.35 -7.64 21.71
CA VAL B 56 -39.26 -6.58 22.72
C VAL B 56 -40.24 -5.45 22.40
N LYS B 57 -40.65 -4.69 23.42
CA LYS B 57 -41.71 -3.69 23.27
C LYS B 57 -41.41 -2.33 23.94
N LYS B 58 -41.64 -1.25 23.19
CA LYS B 58 -41.55 0.13 23.68
C LYS B 58 -42.94 0.59 24.17
N GLY B 59 -43.81 0.96 23.23
CA GLY B 59 -45.17 1.37 23.54
C GLY B 59 -46.04 1.29 22.29
N ASN B 60 -45.72 2.14 21.31
CA ASN B 60 -46.37 2.08 20.00
C ASN B 60 -45.91 0.87 19.22
N ILE B 61 -44.64 0.51 19.40
CA ILE B 61 -43.98 -0.41 18.48
C ILE B 61 -43.36 -1.62 19.14
N THR B 62 -43.31 -2.73 18.40
CA THR B 62 -42.59 -3.91 18.84
C THR B 62 -41.59 -4.36 17.79
N TRP B 63 -40.36 -4.56 18.22
CA TRP B 63 -39.34 -5.23 17.43
C TRP B 63 -39.55 -6.74 17.58
N ALA B 64 -39.19 -7.48 16.52
CA ALA B 64 -39.32 -8.93 16.46
C ALA B 64 -38.25 -9.50 15.54
N SER B 65 -37.45 -10.43 16.06
CA SER B 65 -36.32 -10.97 15.31
C SER B 65 -36.24 -12.50 15.31
N PHE B 66 -35.50 -13.03 14.34
CA PHE B 66 -35.37 -14.48 14.15
C PHE B 66 -33.94 -14.80 13.70
N ASN B 67 -33.53 -16.06 13.87
CA ASN B 67 -32.25 -16.49 13.31
C ASN B 67 -32.36 -17.36 12.04
N LEU B 68 -31.23 -17.52 11.34
CA LEU B 68 -31.15 -18.32 10.12
C LEU B 68 -30.10 -19.41 10.26
N SER B 69 -30.33 -20.55 9.60
CA SER B 69 -29.30 -21.59 9.55
C SER B 69 -28.13 -21.10 8.69
N GLU B 70 -26.96 -21.71 8.87
CA GLU B 70 -25.74 -21.34 8.12
C GLU B 70 -25.90 -21.62 6.62
N GLN B 71 -26.73 -22.59 6.26
CA GLN B 71 -27.05 -22.88 4.87
C GLN B 71 -27.95 -21.77 4.29
N ASP B 72 -28.97 -21.37 5.05
CA ASP B 72 -29.88 -20.32 4.61
C ASP B 72 -29.14 -19.01 4.44
N LEU B 73 -28.17 -18.75 5.32
CA LEU B 73 -27.35 -17.55 5.27
C LEU B 73 -26.40 -17.56 4.07
N ASP B 74 -25.68 -18.66 3.85
CA ASP B 74 -24.76 -18.73 2.71
C ASP B 74 -25.50 -18.53 1.36
N GLU B 75 -26.66 -19.17 1.19
CA GLU B 75 -27.39 -19.19 -0.08
C GLU B 75 -28.26 -17.95 -0.30
N TYR B 76 -28.90 -17.48 0.77
CA TYR B 76 -29.75 -16.28 0.74
C TYR B 76 -28.99 -14.97 0.66
N TYR B 77 -28.12 -14.75 1.65
CA TYR B 77 -27.54 -13.45 1.91
C TYR B 77 -26.12 -13.40 1.32
N ASN B 78 -25.26 -14.37 1.63
CA ASN B 78 -23.90 -14.35 1.10
C ASN B 78 -23.84 -14.63 -0.40
N GLN B 79 -24.68 -15.53 -0.90
CA GLN B 79 -24.68 -15.89 -2.34
C GLN B 79 -25.65 -15.05 -3.18
N PHE B 80 -26.96 -15.28 -3.09
CA PHE B 80 -27.88 -14.62 -4.04
C PHE B 80 -28.01 -13.10 -3.87
N SER B 81 -28.07 -12.63 -2.63
CA SER B 81 -28.22 -11.21 -2.38
C SER B 81 -26.94 -10.45 -2.65
N ASN B 82 -25.82 -10.93 -2.10
CA ASN B 82 -24.57 -10.15 -2.10
C ASN B 82 -23.67 -10.45 -3.27
N ALA B 83 -23.93 -11.56 -3.95
CA ALA B 83 -23.10 -11.95 -5.09
C ALA B 83 -23.85 -12.21 -6.42
N VAL B 84 -25.18 -12.04 -6.46
CA VAL B 84 -25.90 -11.97 -7.73
C VAL B 84 -26.58 -10.61 -7.84
N LEU B 85 -27.47 -10.32 -6.89
CA LEU B 85 -28.26 -9.09 -6.94
C LEU B 85 -27.43 -7.83 -6.74
N TRP B 86 -26.56 -7.82 -5.73
CA TRP B 86 -25.79 -6.63 -5.44
C TRP B 86 -24.88 -6.26 -6.66
N PRO B 87 -24.09 -7.19 -7.16
CA PRO B 87 -23.26 -6.88 -8.34
C PRO B 87 -24.09 -6.54 -9.57
N ALA B 88 -25.14 -7.31 -9.87
CA ALA B 88 -25.96 -7.03 -11.05
C ALA B 88 -26.63 -5.64 -11.00
N PHE B 89 -27.12 -5.29 -9.83
CA PHE B 89 -27.83 -4.05 -9.71
C PHE B 89 -26.88 -2.87 -9.72
N HIS B 90 -25.61 -3.08 -9.42
CA HIS B 90 -24.61 -2.04 -9.57
C HIS B 90 -23.77 -2.18 -10.84
N TYR B 91 -24.37 -2.79 -11.87
CA TYR B 91 -23.79 -2.82 -13.21
C TYR B 91 -22.48 -3.64 -13.31
N ARG B 92 -22.40 -4.73 -12.56
CA ARG B 92 -21.20 -5.58 -12.55
C ARG B 92 -21.56 -7.06 -12.75
N LEU B 93 -22.02 -7.36 -13.96
CA LEU B 93 -22.31 -8.71 -14.37
C LEU B 93 -21.07 -9.61 -14.30
N ASP B 94 -19.89 -9.06 -14.50
CA ASP B 94 -18.65 -9.83 -14.47
C ASP B 94 -18.41 -10.41 -13.07
N LEU B 95 -19.06 -9.81 -12.08
CA LEU B 95 -18.94 -10.21 -10.68
C LEU B 95 -20.07 -11.12 -10.22
N VAL B 96 -21.13 -11.29 -11.01
CA VAL B 96 -22.18 -12.19 -10.55
C VAL B 96 -21.76 -13.65 -10.54
N GLN B 97 -22.24 -14.33 -9.53
CA GLN B 97 -21.83 -15.69 -9.23
C GLN B 97 -23.13 -16.44 -9.03
N PHE B 98 -23.84 -16.68 -10.14
CA PHE B 98 -25.11 -17.38 -10.11
C PHE B 98 -24.93 -18.87 -10.08
N GLN B 99 -25.62 -19.48 -9.12
CA GLN B 99 -25.74 -20.91 -9.01
C GLN B 99 -27.15 -21.16 -8.52
N ARG B 100 -27.81 -22.16 -9.08
CA ARG B 100 -29.20 -22.44 -8.79
C ARG B 100 -29.51 -22.76 -7.32
N PRO B 101 -28.72 -23.60 -6.64
CA PRO B 101 -28.97 -23.85 -5.22
C PRO B 101 -29.08 -22.55 -4.43
N ALA B 102 -28.43 -21.48 -4.89
CA ALA B 102 -28.49 -20.19 -4.21
C ALA B 102 -29.77 -19.42 -4.50
N TRP B 103 -30.30 -19.53 -5.71
CA TRP B 103 -31.61 -18.96 -6.03
C TRP B 103 -32.72 -19.65 -5.27
N ASP B 104 -32.61 -20.96 -5.15
CA ASP B 104 -33.60 -21.71 -4.42
C ASP B 104 -33.59 -21.23 -2.97
N GLY B 105 -32.39 -21.15 -2.38
CA GLY B 105 -32.24 -20.71 -1.00
C GLY B 105 -32.80 -19.33 -0.77
N TYR B 106 -32.70 -18.47 -1.78
CA TYR B 106 -33.27 -17.12 -1.76
C TYR B 106 -34.79 -17.19 -1.62
N LEU B 107 -35.41 -18.06 -2.40
CA LEU B 107 -36.85 -18.24 -2.36
C LEU B 107 -37.26 -18.93 -1.07
N ARG B 108 -36.46 -19.88 -0.61
CA ARG B 108 -36.79 -20.64 0.60
C ARG B 108 -36.79 -19.70 1.78
N VAL B 109 -35.83 -18.77 1.83
CA VAL B 109 -35.72 -17.87 2.99
C VAL B 109 -36.82 -16.81 2.92
N ASN B 110 -37.12 -16.30 1.73
CA ASN B 110 -38.25 -15.38 1.61
C ASN B 110 -39.54 -16.09 2.09
N ALA B 111 -39.65 -17.39 1.85
CA ALA B 111 -40.80 -18.20 2.29
C ALA B 111 -40.81 -18.50 3.80
N LEU B 112 -39.64 -18.77 4.37
CA LEU B 112 -39.50 -18.86 5.83
C LEU B 112 -39.98 -17.57 6.48
N LEU B 113 -39.40 -16.44 6.04
CA LEU B 113 -39.74 -15.14 6.60
C LEU B 113 -41.22 -14.80 6.51
N ALA B 114 -41.84 -15.20 5.40
CA ALA B 114 -43.26 -14.97 5.19
C ALA B 114 -44.14 -15.84 6.09
N ASP B 115 -43.72 -17.07 6.36
CA ASP B 115 -44.40 -17.96 7.30
C ASP B 115 -44.38 -17.39 8.72
N LYS B 116 -43.25 -16.81 9.11
CA LYS B 116 -43.07 -16.31 10.48
C LYS B 116 -43.72 -14.94 10.63
N LEU B 117 -44.02 -14.26 9.51
CA LEU B 117 -44.61 -12.91 9.54
C LEU B 117 -46.15 -12.95 9.45
N LEU B 118 -46.65 -14.00 8.81
CA LEU B 118 -48.10 -14.20 8.62
C LEU B 118 -48.86 -13.99 9.92
N PRO B 119 -48.52 -14.73 11.00
CA PRO B 119 -49.32 -14.69 12.24
C PRO B 119 -49.31 -13.32 12.94
N LEU B 120 -48.20 -12.60 12.81
CA LEU B 120 -48.06 -11.26 13.39
C LEU B 120 -48.95 -10.21 12.70
N LEU B 121 -49.32 -10.45 11.45
CA LEU B 121 -50.14 -9.52 10.69
C LEU B 121 -51.61 -9.52 11.12
N GLN B 122 -52.23 -8.35 10.91
CA GLN B 122 -53.63 -8.10 11.17
C GLN B 122 -54.23 -7.51 9.90
N ASP B 123 -55.55 -7.54 9.80
CA ASP B 123 -56.25 -7.27 8.56
C ASP B 123 -56.03 -5.86 8.01
N ASP B 124 -56.29 -4.83 8.85
CA ASP B 124 -56.24 -3.45 8.36
C ASP B 124 -54.81 -2.77 8.42
N ASP B 125 -53.81 -3.60 8.78
CA ASP B 125 -52.37 -3.25 8.62
C ASP B 125 -52.09 -2.71 7.22
N ILE B 126 -50.90 -1.94 7.23
CA ILE B 126 -50.09 -1.52 6.07
C ILE B 126 -48.72 -2.15 6.24
N ILE B 127 -48.10 -2.63 5.14
CA ILE B 127 -46.85 -3.38 5.21
C ILE B 127 -45.84 -2.73 4.28
N TRP B 128 -44.63 -2.53 4.80
CA TRP B 128 -43.57 -1.80 4.11
C TRP B 128 -42.31 -2.65 4.13
N ILE B 129 -41.94 -3.19 2.96
CA ILE B 129 -40.79 -4.09 2.79
C ILE B 129 -39.61 -3.36 2.23
N HIS B 130 -38.42 -3.68 2.73
CA HIS B 130 -37.19 -2.99 2.37
C HIS B 130 -36.14 -3.86 1.68
N ASP B 131 -35.82 -3.44 0.46
CA ASP B 131 -34.59 -3.78 -0.23
C ASP B 131 -34.54 -5.15 -0.92
N TYR B 132 -33.50 -5.29 -1.75
CA TYR B 132 -33.26 -6.42 -2.65
C TYR B 132 -33.22 -7.83 -2.04
N HIS B 133 -33.01 -7.96 -0.74
CA HIS B 133 -33.06 -9.27 -0.10
C HIS B 133 -34.48 -9.85 -0.15
N LEU B 134 -35.48 -9.00 -0.38
CA LEU B 134 -36.88 -9.36 -0.27
C LEU B 134 -37.71 -9.02 -1.50
N LEU B 135 -37.08 -9.04 -2.68
CA LEU B 135 -37.83 -8.91 -3.93
C LEU B 135 -39.07 -9.83 -3.99
N PRO B 136 -38.94 -11.10 -3.61
CA PRO B 136 -40.06 -12.06 -3.72
C PRO B 136 -41.06 -12.03 -2.58
N PHE B 137 -40.92 -11.10 -1.63
CA PHE B 137 -41.61 -11.25 -0.35
C PHE B 137 -43.11 -11.04 -0.46
N ALA B 138 -43.50 -10.07 -1.27
CA ALA B 138 -44.92 -9.77 -1.47
C ALA B 138 -45.62 -10.91 -2.16
N HIS B 139 -44.95 -11.52 -3.15
CA HIS B 139 -45.44 -12.74 -3.81
C HIS B 139 -45.79 -13.81 -2.76
N GLU B 140 -44.89 -13.98 -1.80
CA GLU B 140 -45.03 -15.02 -0.80
C GLU B 140 -46.18 -14.73 0.18
N LEU B 141 -46.41 -13.44 0.45
CA LEU B 141 -47.52 -12.99 1.25
C LEU B 141 -48.84 -13.18 0.49
N ARG B 142 -48.92 -12.81 -0.79
CA ARG B 142 -50.16 -13.03 -1.56
C ARG B 142 -50.56 -14.51 -1.63
N LYS B 143 -49.56 -15.40 -1.65
CA LYS B 143 -49.82 -16.86 -1.69
C LYS B 143 -50.45 -17.39 -0.40
N ARG B 144 -50.18 -16.69 0.70
CA ARG B 144 -50.68 -17.02 2.02
C ARG B 144 -51.98 -16.26 2.32
N GLY B 145 -52.50 -15.54 1.33
CA GLY B 145 -53.81 -14.90 1.42
C GLY B 145 -53.83 -13.47 1.94
N VAL B 146 -52.67 -12.83 2.11
CA VAL B 146 -52.65 -11.46 2.63
C VAL B 146 -52.92 -10.49 1.45
N ASN B 147 -54.04 -9.78 1.55
CA ASN B 147 -54.47 -8.82 0.53
C ASN B 147 -53.89 -7.36 0.74
N ASN B 148 -53.14 -7.20 1.86
CA ASN B 148 -52.84 -5.88 2.49
C ASN B 148 -52.14 -4.93 1.55
N ARG B 149 -52.23 -3.63 1.87
CA ARG B 149 -51.43 -2.67 1.16
C ARG B 149 -49.98 -3.04 1.48
N ILE B 150 -49.22 -3.49 0.47
CA ILE B 150 -47.80 -3.74 0.66
C ILE B 150 -47.05 -2.85 -0.29
N GLY B 151 -46.09 -2.09 0.25
CA GLY B 151 -45.18 -1.31 -0.53
C GLY B 151 -43.77 -1.84 -0.39
N PHE B 152 -42.96 -1.50 -1.37
CA PHE B 152 -41.57 -1.91 -1.44
C PHE B 152 -40.73 -0.69 -1.68
N PHE B 153 -39.58 -0.61 -1.02
CA PHE B 153 -38.59 0.36 -1.39
C PHE B 153 -37.23 -0.28 -1.70
N LEU B 154 -36.69 0.09 -2.85
CA LEU B 154 -35.42 -0.44 -3.28
C LEU B 154 -34.38 0.62 -2.97
N HIS B 155 -33.42 0.27 -2.14
CA HIS B 155 -32.41 1.21 -1.70
C HIS B 155 -31.28 1.35 -2.68
N ILE B 156 -31.12 0.38 -3.58
CA ILE B 156 -29.98 0.36 -4.52
C ILE B 156 -30.52 0.69 -5.91
N PRO B 157 -29.64 0.86 -6.91
CA PRO B 157 -30.11 1.12 -8.28
C PRO B 157 -30.90 -0.07 -8.81
N PHE B 158 -31.84 0.20 -9.71
CA PHE B 158 -32.44 -0.82 -10.52
C PHE B 158 -31.77 -0.71 -11.89
N PRO B 159 -31.22 -1.80 -12.39
CA PRO B 159 -30.45 -1.78 -13.66
C PRO B 159 -31.30 -1.75 -14.93
N THR B 160 -30.80 -1.15 -16.03
CA THR B 160 -31.51 -1.19 -17.33
C THR B 160 -31.60 -2.62 -17.82
N PRO B 161 -32.53 -2.89 -18.73
CA PRO B 161 -32.76 -4.22 -19.30
C PRO B 161 -31.50 -4.98 -19.77
N GLU B 162 -30.61 -4.30 -20.48
CA GLU B 162 -29.47 -4.97 -21.04
C GLU B 162 -28.63 -5.60 -19.90
N ILE B 163 -28.70 -5.03 -18.70
CA ILE B 163 -28.00 -5.61 -17.54
C ILE B 163 -28.91 -6.57 -16.78
N PHE B 164 -30.12 -6.12 -16.44
CA PHE B 164 -31.03 -6.91 -15.61
C PHE B 164 -31.42 -8.23 -16.26
N ASN B 165 -31.59 -8.22 -17.58
CA ASN B 165 -32.08 -9.39 -18.30
C ASN B 165 -31.03 -10.48 -18.41
N ALA B 166 -29.78 -10.15 -18.08
CA ALA B 166 -28.74 -11.16 -17.95
C ALA B 166 -28.96 -12.13 -16.80
N LEU B 167 -29.63 -11.70 -15.74
CA LEU B 167 -29.92 -12.60 -14.62
C LEU B 167 -30.76 -13.79 -15.08
N PRO B 168 -30.31 -15.03 -14.82
CA PRO B 168 -31.06 -16.21 -15.28
C PRO B 168 -32.51 -16.30 -14.80
N THR B 169 -32.87 -15.60 -13.75
CA THR B 169 -34.22 -15.68 -13.21
C THR B 169 -34.96 -14.32 -13.18
N TYR B 170 -34.58 -13.44 -14.11
CA TYR B 170 -35.13 -12.07 -14.18
C TYR B 170 -36.64 -12.02 -14.39
N ASP B 171 -37.16 -12.96 -15.17
CA ASP B 171 -38.57 -12.97 -15.45
C ASP B 171 -39.38 -13.31 -14.18
N THR B 172 -38.88 -14.20 -13.32
CA THR B 172 -39.57 -14.53 -12.08
C THR B 172 -39.53 -13.35 -11.10
N LEU B 173 -38.36 -12.73 -11.00
CA LEU B 173 -38.15 -11.56 -10.15
C LEU B 173 -39.11 -10.42 -10.53
N LEU B 174 -39.32 -10.26 -11.83
CA LEU B 174 -40.22 -9.22 -12.32
C LEU B 174 -41.66 -9.56 -12.00
N GLU B 175 -42.05 -10.81 -12.21
CA GLU B 175 -43.42 -11.24 -11.93
C GLU B 175 -43.78 -11.02 -10.46
N GLN B 176 -42.84 -11.35 -9.57
CA GLN B 176 -43.04 -11.26 -8.13
C GLN B 176 -43.07 -9.83 -7.61
N LEU B 177 -42.36 -8.94 -8.30
CA LEU B 177 -42.31 -7.54 -7.89
C LEU B 177 -43.61 -6.85 -8.17
N CYS B 178 -44.33 -7.30 -9.19
CA CYS B 178 -45.64 -6.73 -9.48
C CYS B 178 -46.72 -7.17 -8.48
N ASP B 179 -46.38 -8.01 -7.51
CA ASP B 179 -47.34 -8.36 -6.44
C ASP B 179 -47.44 -7.26 -5.37
N TYR B 180 -46.43 -6.41 -5.28
CA TYR B 180 -46.50 -5.22 -4.46
C TYR B 180 -47.55 -4.26 -5.03
N ASP B 181 -48.20 -3.51 -4.16
CA ASP B 181 -49.07 -2.42 -4.58
C ASP B 181 -48.32 -1.18 -4.91
N LEU B 182 -47.20 -0.96 -4.22
CA LEU B 182 -46.40 0.24 -4.41
C LEU B 182 -44.91 -0.11 -4.45
N LEU B 183 -44.22 0.36 -5.47
CA LEU B 183 -42.80 0.17 -5.62
C LEU B 183 -42.14 1.52 -5.61
N GLY B 184 -41.25 1.73 -4.65
CA GLY B 184 -40.56 2.98 -4.45
C GLY B 184 -39.09 2.84 -4.85
N PHE B 185 -38.55 3.87 -5.49
CA PHE B 185 -37.18 3.83 -5.95
C PHE B 185 -36.45 5.11 -5.55
N GLN B 186 -35.12 5.08 -5.57
CA GLN B 186 -34.32 6.21 -5.16
C GLN B 186 -34.34 7.37 -6.16
N THR B 187 -34.36 7.03 -7.45
CA THR B 187 -34.33 8.02 -8.54
C THR B 187 -35.34 7.67 -9.67
N GLU B 188 -35.67 8.68 -10.47
CA GLU B 188 -36.51 8.48 -11.62
C GLU B 188 -35.88 7.45 -12.60
N ASN B 189 -34.57 7.51 -12.86
CA ASN B 189 -33.98 6.53 -13.75
C ASN B 189 -34.10 5.06 -13.23
N ASP B 190 -34.16 4.86 -11.92
CA ASP B 190 -34.33 3.51 -11.39
C ASP B 190 -35.78 3.11 -11.66
N ARG B 191 -36.71 3.98 -11.39
CA ARG B 191 -38.12 3.70 -11.65
C ARG B 191 -38.37 3.36 -13.14
N LEU B 192 -37.80 4.19 -14.03
CA LEU B 192 -37.86 4.01 -15.48
C LEU B 192 -37.21 2.70 -15.95
N ALA B 193 -36.07 2.35 -15.35
CA ALA B 193 -35.38 1.10 -15.67
C ALA B 193 -36.26 -0.10 -15.30
N PHE B 194 -36.89 -0.07 -14.13
CA PHE B 194 -37.79 -1.17 -13.77
C PHE B 194 -38.92 -1.33 -14.79
N LEU B 195 -39.59 -0.24 -15.15
CA LEU B 195 -40.69 -0.26 -16.13
C LEU B 195 -40.26 -0.74 -17.53
N ASP B 196 -39.04 -0.41 -17.92
CA ASP B 196 -38.49 -0.81 -19.18
C ASP B 196 -38.20 -2.32 -19.14
N CYS B 197 -37.65 -2.82 -18.04
CA CYS B 197 -37.46 -4.28 -17.88
C CYS B 197 -38.80 -5.00 -18.00
N LEU B 198 -39.80 -4.46 -17.32
CA LEU B 198 -41.15 -5.04 -17.32
C LEU B 198 -41.79 -5.01 -18.71
N SER B 199 -41.61 -3.90 -19.42
CA SER B 199 -42.13 -3.72 -20.79
C SER B 199 -41.50 -4.64 -21.84
N ASN B 200 -40.29 -5.11 -21.57
CA ASN B 200 -39.57 -6.03 -22.44
C ASN B 200 -40.08 -7.46 -22.29
N LEU B 201 -40.51 -7.80 -21.08
CA LEU B 201 -41.02 -9.13 -20.77
C LEU B 201 -42.49 -9.29 -21.17
N THR B 202 -43.29 -8.27 -20.90
CA THR B 202 -44.74 -8.36 -21.03
C THR B 202 -45.35 -6.97 -21.26
N ARG B 203 -46.59 -6.94 -21.74
CA ARG B 203 -47.27 -5.67 -21.98
C ARG B 203 -47.70 -5.04 -20.67
N VAL B 204 -47.38 -3.76 -20.51
CA VAL B 204 -47.80 -2.99 -19.33
C VAL B 204 -48.60 -1.74 -19.75
N THR B 205 -49.74 -1.55 -19.08
CA THR B 205 -50.66 -0.46 -19.36
C THR B 205 -50.47 0.66 -18.36
N THR B 206 -50.24 1.89 -18.84
CA THR B 206 -50.02 3.05 -17.97
C THR B 206 -51.12 4.09 -18.16
N ARG B 207 -51.50 4.78 -17.08
CA ARG B 207 -52.61 5.74 -17.15
C ARG B 207 -52.53 7.02 -16.30
N SER B 208 -51.57 7.15 -15.38
CA SER B 208 -51.58 8.30 -14.46
C SER B 208 -50.15 8.72 -14.12
N ALA B 209 -49.33 8.80 -15.17
CA ALA B 209 -47.87 8.82 -15.08
C ALA B 209 -47.30 7.55 -14.40
N LYS B 210 -47.93 7.13 -13.29
CA LYS B 210 -47.33 6.17 -12.35
C LYS B 210 -48.30 5.09 -11.80
N SER B 211 -49.33 4.75 -12.57
CA SER B 211 -50.22 3.65 -12.21
C SER B 211 -50.28 2.63 -13.36
N HIS B 212 -49.98 1.37 -13.05
CA HIS B 212 -49.68 0.36 -14.05
C HIS B 212 -50.44 -0.93 -13.83
N THR B 213 -50.48 -1.72 -14.89
CA THR B 213 -50.97 -3.09 -14.89
C THR B 213 -50.01 -3.94 -15.69
N ALA B 214 -49.88 -5.19 -15.28
CA ALA B 214 -49.07 -6.18 -15.97
C ALA B 214 -49.51 -7.55 -15.50
N TRP B 215 -49.82 -8.42 -16.45
CA TRP B 215 -50.43 -9.73 -16.16
C TRP B 215 -51.66 -9.57 -15.27
N GLY B 216 -52.41 -8.49 -15.46
CA GLY B 216 -53.59 -8.25 -14.67
C GLY B 216 -53.34 -7.81 -13.22
N LYS B 217 -52.08 -7.75 -12.79
CA LYS B 217 -51.72 -7.31 -11.44
C LYS B 217 -51.55 -5.79 -11.42
N ALA B 218 -52.27 -5.11 -10.52
CA ALA B 218 -52.21 -3.64 -10.41
C ALA B 218 -51.16 -3.23 -9.41
N PHE B 219 -50.44 -2.15 -9.73
CA PHE B 219 -49.43 -1.56 -8.87
C PHE B 219 -49.10 -0.11 -9.27
N ARG B 220 -48.40 0.59 -8.38
CA ARG B 220 -48.00 1.99 -8.61
C ARG B 220 -46.48 2.11 -8.38
N THR B 221 -45.82 3.00 -9.12
CA THR B 221 -44.41 3.31 -8.88
C THR B 221 -44.25 4.79 -8.58
N GLU B 222 -43.16 5.14 -7.91
CA GLU B 222 -42.91 6.50 -7.47
C GLU B 222 -41.46 6.58 -6.97
N VAL B 223 -40.94 7.79 -6.88
CA VAL B 223 -39.56 8.08 -6.52
C VAL B 223 -39.58 8.72 -5.14
N TYR B 224 -38.84 8.14 -4.21
CA TYR B 224 -38.66 8.68 -2.85
C TYR B 224 -37.18 8.66 -2.50
N PRO B 225 -36.44 9.72 -2.83
CA PRO B 225 -35.01 9.75 -2.58
C PRO B 225 -34.74 9.87 -1.07
N ILE B 226 -34.16 8.84 -0.51
CA ILE B 226 -33.93 8.77 0.92
C ILE B 226 -33.08 9.96 1.36
N GLY B 227 -33.32 10.38 2.58
CA GLY B 227 -32.69 11.59 3.07
C GLY B 227 -32.10 11.41 4.44
N ILE B 228 -31.82 12.56 5.05
CA ILE B 228 -31.10 12.68 6.30
C ILE B 228 -31.89 13.46 7.36
N GLU B 229 -31.42 13.42 8.61
CA GLU B 229 -31.98 14.22 9.71
C GLU B 229 -31.02 15.41 9.94
N PRO B 230 -31.22 16.53 9.24
CA PRO B 230 -30.18 17.57 9.18
C PRO B 230 -29.91 18.21 10.55
N LYS B 231 -30.94 18.42 11.37
CA LYS B 231 -30.74 18.97 12.71
C LYS B 231 -29.88 18.07 13.61
N GLU B 232 -30.12 16.76 13.61
CA GLU B 232 -29.31 15.87 14.44
C GLU B 232 -27.86 15.80 13.91
N ILE B 233 -27.67 15.81 12.58
CA ILE B 233 -26.31 15.82 12.03
C ILE B 233 -25.59 17.10 12.48
N ALA B 234 -26.22 18.26 12.29
CA ALA B 234 -25.62 19.55 12.67
C ALA B 234 -25.25 19.57 14.14
N LYS B 235 -26.09 18.99 14.99
CA LYS B 235 -25.81 18.91 16.43
C LYS B 235 -24.56 18.05 16.74
N GLN B 236 -24.46 16.89 16.10
CA GLN B 236 -23.37 15.96 16.37
C GLN B 236 -22.06 16.56 15.85
N ALA B 237 -22.11 17.11 14.64
CA ALA B 237 -20.96 17.70 13.97
C ALA B 237 -20.33 18.82 14.80
N ALA B 238 -21.17 19.63 15.44
CA ALA B 238 -20.77 20.88 16.08
C ALA B 238 -20.21 20.66 17.47
N GLY B 239 -20.42 19.47 18.04
CA GLY B 239 -19.99 19.16 19.38
C GLY B 239 -18.47 19.14 19.51
N PRO B 240 -17.97 19.24 20.73
CA PRO B 240 -16.52 19.28 21.00
C PRO B 240 -15.74 18.09 20.47
N LEU B 241 -14.66 18.36 19.74
CA LEU B 241 -13.77 17.31 19.26
C LEU B 241 -13.14 16.59 20.46
N PRO B 242 -12.93 15.28 20.39
CA PRO B 242 -12.15 14.61 21.42
C PRO B 242 -10.68 15.07 21.33
N PRO B 243 -9.96 15.15 22.45
CA PRO B 243 -8.66 15.85 22.53
C PRO B 243 -7.70 15.73 21.34
N LYS B 244 -7.49 14.52 20.83
CA LYS B 244 -6.46 14.28 19.80
C LYS B 244 -6.87 14.84 18.44
N LEU B 245 -8.16 15.08 18.27
CA LEU B 245 -8.67 15.62 17.01
C LEU B 245 -8.59 17.16 17.04
N ALA B 246 -8.79 17.74 18.23
CA ALA B 246 -8.49 19.16 18.48
C ALA B 246 -7.00 19.46 18.24
N GLN B 247 -6.11 18.54 18.68
CA GLN B 247 -4.66 18.64 18.44
C GLN B 247 -4.34 18.66 16.96
N LEU B 248 -4.90 17.70 16.22
CA LEU B 248 -4.65 17.59 14.79
C LEU B 248 -5.15 18.80 13.99
N LYS B 249 -6.29 19.38 14.39
CA LYS B 249 -6.89 20.52 13.64
C LYS B 249 -5.99 21.78 13.74
N ALA B 250 -5.47 22.02 14.94
CA ALA B 250 -4.51 23.10 15.21
C ALA B 250 -3.08 22.84 14.66
N GLU B 251 -2.80 21.59 14.29
CA GLU B 251 -1.53 21.20 13.67
C GLU B 251 -1.60 21.37 12.15
N LEU B 252 -2.82 21.22 11.61
CA LEU B 252 -3.06 21.32 10.18
C LEU B 252 -3.69 22.68 9.83
N LYS B 253 -3.25 23.76 10.47
CA LYS B 253 -3.80 25.10 10.20
C LYS B 253 -3.71 25.42 8.69
N ASN B 254 -2.54 25.15 8.11
CA ASN B 254 -2.27 25.48 6.71
C ASN B 254 -2.41 24.28 5.76
N VAL B 255 -2.86 23.13 6.27
CA VAL B 255 -3.09 21.94 5.46
C VAL B 255 -4.58 21.68 5.31
N GLN B 256 -5.08 21.69 4.08
CA GLN B 256 -6.49 21.34 3.83
C GLN B 256 -6.71 19.82 3.77
N ASN B 257 -7.87 19.40 4.24
CA ASN B 257 -8.21 18.00 4.34
C ASN B 257 -9.33 17.60 3.38
N ILE B 258 -9.08 16.60 2.56
CA ILE B 258 -10.03 16.01 1.66
C ILE B 258 -10.39 14.72 2.34
N PHE B 259 -11.68 14.48 2.47
CA PHE B 259 -12.13 13.38 3.31
C PHE B 259 -13.16 12.51 2.60
N SER B 260 -13.03 11.20 2.81
CA SER B 260 -14.00 10.26 2.29
C SER B 260 -14.22 9.21 3.35
N VAL B 261 -15.44 8.74 3.46
CA VAL B 261 -15.69 7.55 4.22
C VAL B 261 -16.72 6.71 3.47
N GLU B 262 -16.50 5.42 3.51
CA GLU B 262 -17.51 4.48 3.09
C GLU B 262 -17.06 3.09 3.38
N ARG B 263 -18.04 2.21 3.40
CA ARG B 263 -17.83 0.79 3.32
C ARG B 263 -16.94 0.44 2.15
N LEU B 264 -16.07 -0.52 2.39
CA LEU B 264 -15.10 -0.95 1.42
C LEU B 264 -15.82 -1.90 0.49
N ASP B 265 -16.28 -1.35 -0.63
CA ASP B 265 -17.14 -2.06 -1.56
C ASP B 265 -16.72 -1.70 -3.02
N TYR B 266 -16.79 -2.62 -3.95
CA TYR B 266 -16.40 -2.29 -5.34
C TYR B 266 -17.29 -1.23 -6.06
N SER B 267 -18.55 -1.12 -5.65
CA SER B 267 -19.41 -0.03 -6.13
C SER B 267 -18.86 1.35 -5.82
N LYS B 268 -17.98 1.46 -4.83
CA LYS B 268 -17.57 2.74 -4.31
C LYS B 268 -16.41 3.39 -5.10
N GLY B 269 -15.73 2.62 -5.93
CA GLY B 269 -14.68 3.19 -6.79
C GLY B 269 -13.48 3.72 -6.03
N LEU B 270 -13.12 3.00 -4.98
CA LEU B 270 -12.06 3.49 -4.12
C LEU B 270 -10.71 3.46 -4.86
N PRO B 271 -10.35 2.41 -5.58
CA PRO B 271 -9.09 2.44 -6.33
C PRO B 271 -9.01 3.62 -7.33
N GLU B 272 -10.11 3.88 -8.00
CA GLU B 272 -10.21 4.98 -8.97
C GLU B 272 -10.07 6.32 -8.29
N ARG B 273 -10.55 6.39 -7.07
CA ARG B 273 -10.40 7.58 -6.24
C ARG B 273 -8.97 7.85 -5.85
N PHE B 274 -8.25 6.82 -5.46
CA PHE B 274 -6.84 6.96 -5.18
C PHE B 274 -6.14 7.44 -6.43
N LEU B 275 -6.48 6.90 -7.59
CA LEU B 275 -5.87 7.30 -8.86
C LEU B 275 -6.16 8.77 -9.15
N ALA B 276 -7.35 9.26 -8.78
CA ALA B 276 -7.69 10.67 -8.97
C ALA B 276 -6.81 11.57 -8.09
N TYR B 277 -6.59 11.15 -6.85
CA TYR B 277 -5.74 11.90 -5.94
C TYR B 277 -4.31 11.92 -6.47
N GLU B 278 -3.84 10.77 -6.95
CA GLU B 278 -2.54 10.71 -7.58
C GLU B 278 -2.44 11.73 -8.72
N ALA B 279 -3.50 11.86 -9.52
CA ALA B 279 -3.46 12.75 -10.67
C ALA B 279 -3.45 14.21 -10.20
N LEU B 280 -4.11 14.51 -9.07
CA LEU B 280 -4.01 15.83 -8.46
C LEU B 280 -2.57 16.14 -8.07
N LEU B 281 -1.92 15.19 -7.43
CA LEU B 281 -0.57 15.38 -6.95
C LEU B 281 0.38 15.51 -8.15
N GLU B 282 0.11 14.76 -9.21
CA GLU B 282 1.00 14.68 -10.35
C GLU B 282 0.94 16.01 -11.13
N LYS B 283 -0.26 16.53 -11.32
CA LYS B 283 -0.47 17.66 -12.23
C LYS B 283 -0.63 19.01 -11.51
N TYR B 284 -0.84 19.01 -10.20
CA TYR B 284 -0.97 20.23 -9.39
C TYR B 284 0.03 20.24 -8.22
N PRO B 285 1.31 20.32 -8.55
CA PRO B 285 2.38 20.30 -7.52
C PRO B 285 2.32 21.49 -6.54
N GLN B 286 1.64 22.59 -6.88
CA GLN B 286 1.35 23.66 -5.89
C GLN B 286 0.81 23.10 -4.57
N HIS B 287 0.10 21.98 -4.62
CA HIS B 287 -0.59 21.51 -3.43
C HIS B 287 0.30 20.64 -2.53
N HIS B 288 1.49 20.32 -2.98
CA HIS B 288 2.35 19.42 -2.18
C HIS B 288 2.65 20.03 -0.80
N GLY B 289 2.48 19.20 0.22
CA GLY B 289 2.74 19.61 1.58
C GLY B 289 1.61 20.39 2.21
N LYS B 290 0.56 20.70 1.45
CA LYS B 290 -0.47 21.62 1.91
C LYS B 290 -1.88 21.03 1.86
N ILE B 291 -1.99 19.79 1.41
CA ILE B 291 -3.27 19.07 1.43
C ILE B 291 -3.05 17.67 1.93
N ARG B 292 -4.15 17.02 2.20
CA ARG B 292 -4.10 15.63 2.54
C ARG B 292 -5.45 14.98 2.25
N TYR B 293 -5.41 13.75 1.78
CA TYR B 293 -6.60 12.96 1.51
C TYR B 293 -6.63 11.83 2.54
N THR B 294 -7.73 11.73 3.28
CA THR B 294 -7.95 10.69 4.30
C THR B 294 -9.16 9.87 3.81
N GLN B 295 -8.94 8.58 3.65
CA GLN B 295 -9.97 7.65 3.27
C GLN B 295 -10.23 6.72 4.46
N ILE B 296 -11.45 6.71 4.97
CA ILE B 296 -11.86 5.76 5.97
C ILE B 296 -12.71 4.73 5.28
N ALA B 297 -12.40 3.46 5.49
CA ALA B 297 -13.01 2.43 4.69
C ALA B 297 -12.95 1.13 5.44
N PRO B 298 -13.87 0.97 6.39
CA PRO B 298 -13.95 -0.26 7.16
C PRO B 298 -14.42 -1.41 6.28
N THR B 299 -13.88 -2.56 6.58
CA THR B 299 -14.14 -3.80 5.89
C THR B 299 -15.63 -4.21 5.96
N SER B 300 -16.23 -4.35 4.77
CA SER B 300 -17.60 -4.85 4.59
C SER B 300 -17.56 -6.19 3.82
N ARG B 301 -18.33 -7.18 4.29
CA ARG B 301 -18.45 -8.49 3.63
C ARG B 301 -17.10 -9.03 3.17
N GLY B 302 -16.13 -9.04 4.08
CA GLY B 302 -14.76 -9.40 3.74
C GLY B 302 -14.59 -10.89 3.52
N ASP B 303 -15.67 -11.64 3.75
CA ASP B 303 -15.71 -13.07 3.52
C ASP B 303 -15.68 -13.38 2.01
N VAL B 304 -15.90 -12.37 1.16
CA VAL B 304 -16.07 -12.62 -0.30
C VAL B 304 -14.95 -12.00 -1.16
N GLN B 305 -14.57 -12.78 -2.18
CA GLN B 305 -13.36 -12.53 -2.98
C GLN B 305 -13.25 -11.13 -3.60
N ALA B 306 -14.33 -10.66 -4.21
CA ALA B 306 -14.34 -9.35 -4.85
C ALA B 306 -13.98 -8.23 -3.89
N TYR B 307 -14.46 -8.36 -2.63
CA TYR B 307 -14.17 -7.37 -1.57
C TYR B 307 -12.76 -7.47 -0.99
N GLN B 308 -12.24 -8.67 -0.84
CA GLN B 308 -10.88 -8.86 -0.36
C GLN B 308 -9.90 -8.32 -1.41
N ASP B 309 -10.26 -8.44 -2.68
CA ASP B 309 -9.43 -7.97 -3.77
C ASP B 309 -9.31 -6.46 -3.70
N ILE B 310 -10.39 -5.77 -3.38
CA ILE B 310 -10.28 -4.31 -3.35
C ILE B 310 -9.50 -3.82 -2.11
N ARG B 311 -9.69 -4.44 -0.95
CA ARG B 311 -8.89 -4.10 0.23
C ARG B 311 -7.38 -4.17 -0.05
N HIS B 312 -6.95 -5.27 -0.63
CA HIS B 312 -5.52 -5.47 -0.92
C HIS B 312 -5.00 -4.46 -1.97
N GLN B 313 -5.86 -4.08 -2.91
CA GLN B 313 -5.52 -3.09 -3.94
C GLN B 313 -5.34 -1.70 -3.30
N LEU B 314 -6.14 -1.42 -2.27
CA LEU B 314 -6.08 -0.13 -1.61
C LEU B 314 -4.82 -0.05 -0.76
N GLU B 315 -4.47 -1.14 -0.09
CA GLU B 315 -3.25 -1.22 0.69
C GLU B 315 -2.06 -0.93 -0.24
N ASN B 316 -2.02 -1.63 -1.36
CA ASN B 316 -0.96 -1.50 -2.34
C ASN B 316 -0.88 -0.07 -2.86
N GLU B 317 -2.03 0.51 -3.19
CA GLU B 317 -2.09 1.86 -3.75
C GLU B 317 -1.75 2.98 -2.75
N ALA B 318 -2.11 2.80 -1.48
CA ALA B 318 -1.73 3.76 -0.47
C ALA B 318 -0.22 3.78 -0.38
N GLY B 319 0.37 2.59 -0.36
CA GLY B 319 1.81 2.42 -0.23
C GLY B 319 2.51 3.01 -1.45
N ARG B 320 1.98 2.73 -2.64
CA ARG B 320 2.59 3.21 -3.86
C ARG B 320 2.55 4.74 -3.96
N ILE B 321 1.39 5.31 -3.74
CA ILE B 321 1.20 6.75 -3.83
C ILE B 321 1.99 7.53 -2.78
N ASN B 322 1.93 7.08 -1.53
CA ASN B 322 2.73 7.68 -0.47
C ASN B 322 4.21 7.51 -0.71
N GLY B 323 4.61 6.35 -1.24
CA GLY B 323 5.99 6.10 -1.59
C GLY B 323 6.55 7.00 -2.70
N LYS B 324 5.71 7.39 -3.64
CA LYS B 324 6.10 8.23 -4.79
C LYS B 324 6.09 9.71 -4.41
N TYR B 325 5.02 10.17 -3.74
CA TYR B 325 4.81 11.60 -3.48
C TYR B 325 5.09 12.06 -2.06
N GLY B 326 5.30 11.12 -1.15
CA GLY B 326 5.52 11.49 0.23
C GLY B 326 6.89 12.11 0.46
N GLN B 327 7.00 12.77 1.61
CA GLN B 327 8.21 13.43 2.08
C GLN B 327 8.43 13.05 3.52
N LEU B 328 9.59 13.41 4.03
CA LEU B 328 9.90 13.08 5.41
C LEU B 328 8.89 13.65 6.36
N GLY B 329 8.32 14.81 6.03
CA GLY B 329 7.39 15.47 6.93
C GLY B 329 5.98 15.60 6.40
N TRP B 330 5.65 14.84 5.35
CA TRP B 330 4.34 14.90 4.74
C TRP B 330 3.92 13.56 4.07
N THR B 331 2.84 12.98 4.58
CA THR B 331 2.23 11.78 4.01
C THR B 331 0.97 12.28 3.30
N PRO B 332 0.90 12.19 1.96
CA PRO B 332 -0.26 12.68 1.22
C PRO B 332 -1.60 11.98 1.45
N LEU B 333 -1.55 10.67 1.71
CA LEU B 333 -2.73 9.82 1.77
C LEU B 333 -2.80 9.05 3.08
N TYR B 334 -3.87 9.25 3.84
CA TYR B 334 -4.07 8.50 5.08
C TYR B 334 -5.14 7.51 4.74
N TYR B 335 -4.82 6.23 4.79
CA TYR B 335 -5.81 5.21 4.52
C TYR B 335 -6.02 4.46 5.79
N LEU B 336 -7.27 4.43 6.25
CA LEU B 336 -7.60 3.82 7.52
C LEU B 336 -8.70 2.79 7.30
N ASN B 337 -8.36 1.53 7.58
CA ASN B 337 -9.24 0.37 7.39
C ASN B 337 -9.81 0.06 8.76
N GLN B 338 -10.69 0.95 9.19
CA GLN B 338 -11.13 1.00 10.59
C GLN B 338 -12.55 1.58 10.64
N HIS B 339 -13.36 1.12 11.59
CA HIS B 339 -14.69 1.69 11.81
C HIS B 339 -14.61 2.85 12.82
N PHE B 340 -15.28 3.95 12.48
CA PHE B 340 -15.38 5.14 13.33
C PHE B 340 -16.84 5.34 13.72
N ASP B 341 -17.08 5.86 14.92
CA ASP B 341 -18.46 6.17 15.34
C ASP B 341 -19.09 7.26 14.46
N ARG B 342 -20.37 7.12 14.14
CA ARG B 342 -21.11 8.07 13.29
C ARG B 342 -20.97 9.52 13.79
N LYS B 343 -21.00 9.69 15.12
CA LYS B 343 -20.91 11.00 15.74
C LYS B 343 -19.56 11.65 15.51
N LEU B 344 -18.50 10.88 15.69
CA LEU B 344 -17.18 11.44 15.43
C LEU B 344 -17.06 11.77 13.93
N LEU B 345 -17.64 10.94 13.07
CA LEU B 345 -17.53 11.17 11.65
C LEU B 345 -18.17 12.47 11.26
N MET B 346 -19.30 12.82 11.88
CA MET B 346 -19.95 14.08 11.59
C MET B 346 -19.02 15.26 11.95
N LYS B 347 -18.31 15.16 13.07
CA LYS B 347 -17.32 16.18 13.40
C LYS B 347 -16.18 16.24 12.38
N ILE B 348 -15.76 15.08 11.85
CA ILE B 348 -14.68 15.04 10.91
C ILE B 348 -15.08 15.71 9.60
N PHE B 349 -16.30 15.42 9.14
CA PHE B 349 -16.90 16.09 8.00
C PHE B 349 -16.84 17.61 8.14
N ARG B 350 -17.20 18.13 9.31
CA ARG B 350 -17.24 19.59 9.52
C ARG B 350 -15.85 20.20 9.41
N TYR B 351 -14.86 19.55 10.02
CA TYR B 351 -13.53 20.12 10.05
C TYR B 351 -12.80 19.89 8.73
N SER B 352 -13.22 18.91 7.94
CA SER B 352 -12.66 18.71 6.61
C SER B 352 -13.02 19.85 5.66
N ASP B 353 -12.20 20.04 4.65
CA ASP B 353 -12.38 21.11 3.68
C ASP B 353 -13.05 20.66 2.38
N VAL B 354 -12.94 19.39 2.05
CA VAL B 354 -13.52 18.85 0.83
C VAL B 354 -13.99 17.47 1.12
N GLY B 355 -15.17 17.15 0.65
CA GLY B 355 -15.77 15.84 0.80
C GLY B 355 -15.76 15.15 -0.55
N LEU B 356 -15.10 13.99 -0.61
CA LEU B 356 -14.91 13.29 -1.88
C LEU B 356 -15.78 12.04 -1.87
N VAL B 357 -16.88 12.15 -2.60
CA VAL B 357 -17.86 11.08 -2.68
C VAL B 357 -18.08 10.70 -4.14
N THR B 358 -17.24 9.77 -4.63
CA THR B 358 -17.28 9.43 -6.04
C THR B 358 -17.42 7.94 -6.34
N PRO B 359 -18.52 7.32 -5.88
CA PRO B 359 -18.83 5.93 -6.23
C PRO B 359 -19.07 5.74 -7.73
N LEU B 360 -18.87 4.51 -8.18
CA LEU B 360 -19.12 4.13 -9.56
C LEU B 360 -20.58 3.92 -9.82
N ARG B 361 -21.29 3.49 -8.78
CA ARG B 361 -22.72 3.35 -8.84
C ARG B 361 -23.22 3.34 -7.39
N ASP B 362 -24.23 4.16 -7.10
CA ASP B 362 -24.80 4.21 -5.74
C ASP B 362 -26.28 4.59 -5.77
N GLY B 363 -27.11 3.78 -5.12
CA GLY B 363 -28.52 4.06 -4.98
C GLY B 363 -28.80 5.51 -4.61
N MET B 364 -28.10 6.01 -3.60
CA MET B 364 -28.27 7.38 -3.15
C MET B 364 -26.96 7.95 -2.68
N ASN B 365 -26.39 7.31 -1.65
CA ASN B 365 -25.24 7.78 -0.91
C ASN B 365 -25.59 8.86 0.11
N LEU B 366 -25.85 8.42 1.34
CA LEU B 366 -26.11 9.31 2.44
C LEU B 366 -24.90 10.12 2.90
N VAL B 367 -23.69 9.60 2.74
CA VAL B 367 -22.51 10.30 3.18
C VAL B 367 -22.50 11.65 2.51
N ALA B 368 -22.88 11.71 1.23
CA ALA B 368 -22.94 12.98 0.50
C ALA B 368 -23.84 14.00 1.17
N LYS B 369 -25.02 13.55 1.63
CA LYS B 369 -25.98 14.44 2.28
C LYS B 369 -25.50 14.78 3.69
N GLU B 370 -24.92 13.78 4.35
CA GLU B 370 -24.38 13.98 5.69
C GLU B 370 -23.26 15.01 5.68
N TYR B 371 -22.41 14.91 4.67
CA TYR B 371 -21.26 15.76 4.58
C TYR B 371 -21.79 17.18 4.52
N VAL B 372 -22.80 17.45 3.69
CA VAL B 372 -23.24 18.85 3.61
C VAL B 372 -23.96 19.33 4.90
N ALA B 373 -24.74 18.45 5.52
CA ALA B 373 -25.47 18.80 6.73
C ALA B 373 -24.54 19.17 7.87
N ALA B 374 -23.37 18.53 7.91
CA ALA B 374 -22.43 18.68 9.00
C ALA B 374 -21.59 19.94 8.91
N GLN B 375 -21.57 20.58 7.75
CA GLN B 375 -20.69 21.73 7.58
C GLN B 375 -21.14 22.90 8.43
N ASP B 376 -20.18 23.64 8.92
CA ASP B 376 -20.42 24.97 9.43
C ASP B 376 -20.91 25.83 8.26
N PRO B 377 -22.16 26.27 8.29
CA PRO B 377 -22.69 27.04 7.15
C PRO B 377 -22.00 28.43 6.96
N ALA B 378 -21.34 28.97 7.98
CA ALA B 378 -20.47 30.15 7.86
C ALA B 378 -19.09 29.89 7.23
N ASN B 379 -18.63 28.62 7.25
CA ASN B 379 -17.35 28.24 6.63
C ASN B 379 -17.38 26.79 6.13
N PRO B 380 -18.19 26.50 5.13
CA PRO B 380 -18.41 25.12 4.72
C PRO B 380 -17.38 24.59 3.75
N GLY B 381 -17.17 23.29 3.85
CA GLY B 381 -16.40 22.54 2.87
C GLY B 381 -17.17 22.32 1.58
N VAL B 382 -16.49 21.72 0.63
CA VAL B 382 -17.03 21.52 -0.70
C VAL B 382 -17.23 20.04 -0.98
N LEU B 383 -18.38 19.72 -1.55
CA LEU B 383 -18.67 18.36 -1.97
C LEU B 383 -18.32 18.13 -3.45
N VAL B 384 -17.41 17.19 -3.69
CA VAL B 384 -17.11 16.63 -5.00
C VAL B 384 -17.89 15.32 -5.06
N LEU B 385 -18.82 15.22 -6.00
CA LEU B 385 -19.73 14.11 -6.07
C LEU B 385 -19.84 13.47 -7.45
N SER B 386 -19.92 12.15 -7.47
CA SER B 386 -20.01 11.40 -8.72
C SER B 386 -21.40 11.52 -9.29
N GLN B 387 -21.47 11.66 -10.62
CA GLN B 387 -22.73 11.71 -11.33
C GLN B 387 -23.45 10.38 -11.27
N PHE B 388 -22.75 9.31 -10.88
CA PHE B 388 -23.39 8.01 -10.74
C PHE B 388 -23.94 7.74 -9.35
N ALA B 389 -23.83 8.70 -8.44
CA ALA B 389 -24.52 8.61 -7.14
C ALA B 389 -25.93 9.17 -7.28
N GLY B 390 -26.93 8.50 -6.71
CA GLY B 390 -28.28 8.97 -6.80
C GLY B 390 -28.48 10.35 -6.19
N ALA B 391 -27.62 10.74 -5.26
CA ALA B 391 -27.70 12.07 -4.64
C ALA B 391 -27.41 13.17 -5.64
N ALA B 392 -26.75 12.84 -6.74
CA ALA B 392 -26.40 13.86 -7.72
C ALA B 392 -27.64 14.47 -8.41
N ASN B 393 -28.77 13.75 -8.39
CA ASN B 393 -29.99 14.32 -8.96
C ASN B 393 -30.51 15.51 -8.16
N GLU B 394 -30.25 15.52 -6.86
CA GLU B 394 -30.68 16.66 -6.08
C GLU B 394 -29.55 17.61 -5.70
N LEU B 395 -28.33 17.12 -5.55
CA LEU B 395 -27.22 17.93 -5.03
C LEU B 395 -26.50 18.51 -6.24
N THR B 396 -27.24 19.36 -6.90
CA THR B 396 -26.93 19.87 -8.21
C THR B 396 -25.79 20.90 -8.08
N SER B 397 -25.65 21.50 -6.90
CA SER B 397 -24.56 22.43 -6.58
C SER B 397 -23.27 21.85 -6.02
N ALA B 398 -23.16 20.52 -5.93
CA ALA B 398 -21.90 19.85 -5.73
C ALA B 398 -21.07 19.96 -7.01
N LEU B 399 -19.78 19.72 -6.89
CA LEU B 399 -18.94 19.57 -8.09
C LEU B 399 -19.10 18.15 -8.61
N ILE B 400 -19.89 18.01 -9.67
CA ILE B 400 -20.30 16.72 -10.20
C ILE B 400 -19.20 16.26 -11.12
N VAL B 401 -18.76 15.00 -10.98
CA VAL B 401 -17.68 14.49 -11.76
C VAL B 401 -17.93 13.07 -12.27
N ASN B 402 -17.20 12.71 -13.32
CA ASN B 402 -17.18 11.36 -13.83
C ASN B 402 -15.91 10.68 -13.30
N PRO B 403 -16.06 9.75 -12.38
CA PRO B 403 -14.91 9.04 -11.80
C PRO B 403 -14.11 8.20 -12.78
N TYR B 404 -14.67 7.88 -13.95
CA TYR B 404 -13.89 7.28 -15.05
C TYR B 404 -12.90 8.24 -15.74
N ASP B 405 -12.98 9.53 -15.41
CA ASP B 405 -12.05 10.55 -15.92
C ASP B 405 -11.25 11.09 -14.73
N ARG B 406 -10.16 10.42 -14.37
CA ARG B 406 -9.44 10.77 -13.15
C ARG B 406 -8.96 12.22 -13.14
N ASP B 407 -8.59 12.74 -14.31
CA ASP B 407 -8.15 14.14 -14.43
C ASP B 407 -9.30 15.14 -14.21
N GLU B 408 -10.52 14.79 -14.59
CA GLU B 408 -11.66 15.65 -14.28
C GLU B 408 -11.89 15.62 -12.76
N VAL B 409 -11.77 14.45 -12.14
CA VAL B 409 -11.90 14.40 -10.68
C VAL B 409 -10.80 15.28 -10.04
N ALA B 410 -9.57 15.16 -10.55
CA ALA B 410 -8.49 15.97 -10.00
C ALA B 410 -8.77 17.46 -10.17
N ALA B 411 -9.29 17.88 -11.32
CA ALA B 411 -9.55 19.30 -11.57
C ALA B 411 -10.64 19.79 -10.62
N ALA B 412 -11.61 18.94 -10.28
CA ALA B 412 -12.64 19.30 -9.33
C ALA B 412 -12.05 19.49 -7.96
N LEU B 413 -11.13 18.62 -7.59
CA LEU B 413 -10.47 18.71 -6.30
C LEU B 413 -9.66 19.98 -6.22
N ASP B 414 -8.92 20.32 -7.27
CA ASP B 414 -8.18 21.58 -7.31
C ASP B 414 -9.12 22.78 -7.15
N ARG B 415 -10.22 22.77 -7.87
CA ARG B 415 -11.22 23.84 -7.78
C ARG B 415 -11.83 23.97 -6.38
N ALA B 416 -12.16 22.84 -5.77
CA ALA B 416 -12.68 22.81 -4.41
C ALA B 416 -11.68 23.39 -3.41
N LEU B 417 -10.41 23.01 -3.54
CA LEU B 417 -9.33 23.52 -2.70
C LEU B 417 -9.04 25.02 -2.80
N THR B 418 -9.51 25.66 -3.86
CA THR B 418 -9.21 27.09 -4.10
C THR B 418 -10.46 27.92 -4.13
N MET B 419 -11.58 27.32 -3.76
CA MET B 419 -12.86 27.97 -3.94
C MET B 419 -13.01 29.06 -2.88
N SER B 420 -13.38 30.27 -3.31
CA SER B 420 -13.64 31.38 -2.38
C SER B 420 -14.74 31.05 -1.37
N LEU B 421 -14.65 31.62 -0.17
CA LEU B 421 -15.72 31.51 0.82
C LEU B 421 -17.13 31.81 0.25
N ALA B 422 -17.30 32.92 -0.45
CA ALA B 422 -18.59 33.27 -1.06
C ALA B 422 -19.20 32.09 -1.89
N GLU B 423 -18.45 31.53 -2.83
CA GLU B 423 -18.92 30.39 -3.63
C GLU B 423 -19.18 29.12 -2.78
N ARG B 424 -18.32 28.81 -1.83
CA ARG B 424 -18.53 27.68 -0.91
C ARG B 424 -19.85 27.79 -0.11
N ILE B 425 -20.19 29.03 0.33
CA ILE B 425 -21.46 29.28 1.04
C ILE B 425 -22.63 29.08 0.13
N SER B 426 -22.56 29.71 -1.04
CA SER B 426 -23.61 29.65 -2.04
C SER B 426 -23.97 28.18 -2.39
N ARG B 427 -22.94 27.37 -2.65
CA ARG B 427 -23.11 25.98 -3.06
C ARG B 427 -23.65 25.17 -1.90
N HIS B 428 -23.03 25.31 -0.73
CA HIS B 428 -23.48 24.60 0.47
C HIS B 428 -24.94 24.91 0.83
N ALA B 429 -25.28 26.20 0.88
CA ALA B 429 -26.63 26.62 1.27
C ALA B 429 -27.68 26.10 0.29
N GLU B 430 -27.31 25.99 -0.99
CA GLU B 430 -28.22 25.44 -2.00
C GLU B 430 -28.49 23.94 -1.77
N MET B 431 -27.45 23.15 -1.52
CA MET B 431 -27.63 21.73 -1.20
C MET B 431 -28.34 21.52 0.15
N LEU B 432 -28.04 22.37 1.13
CA LEU B 432 -28.60 22.21 2.47
C LEU B 432 -30.09 22.43 2.43
N ASP B 433 -30.50 23.43 1.66
CA ASP B 433 -31.91 23.74 1.50
C ASP B 433 -32.61 22.52 0.90
N VAL B 434 -31.99 21.89 -0.09
CA VAL B 434 -32.57 20.71 -0.71
C VAL B 434 -32.68 19.51 0.26
N ILE B 435 -31.68 19.25 1.09
CA ILE B 435 -31.73 18.12 2.04
C ILE B 435 -32.63 18.41 3.26
N VAL B 436 -32.86 19.69 3.55
CA VAL B 436 -33.74 20.12 4.64
C VAL B 436 -35.18 19.91 4.20
N LYS B 437 -35.47 20.22 2.94
CA LYS B 437 -36.82 20.12 2.41
C LYS B 437 -37.24 18.69 2.10
N ASN B 438 -36.31 17.85 1.67
CA ASN B 438 -36.58 16.42 1.50
C ASN B 438 -35.79 15.65 2.54
N ASP B 439 -36.18 15.85 3.82
CA ASP B 439 -35.54 15.18 4.96
C ASP B 439 -36.17 13.81 5.26
N ILE B 440 -35.54 13.06 6.16
CA ILE B 440 -35.86 11.64 6.34
C ILE B 440 -37.30 11.50 6.80
N ASN B 441 -37.75 12.49 7.58
CA ASN B 441 -39.16 12.62 8.01
C ASN B 441 -40.13 12.80 6.81
N HIS B 442 -39.81 13.73 5.91
CA HIS B 442 -40.49 13.86 4.59
C HIS B 442 -40.49 12.57 3.78
N TRP B 443 -39.35 11.87 3.71
CA TRP B 443 -39.23 10.63 2.90
C TRP B 443 -40.27 9.63 3.34
N GLN B 444 -40.27 9.32 4.63
CA GLN B 444 -41.13 8.26 5.14
C GLN B 444 -42.60 8.68 5.07
N GLU B 445 -42.90 9.92 5.38
CA GLU B 445 -44.29 10.41 5.32
C GLU B 445 -44.87 10.35 3.89
N CYS B 446 -44.04 10.57 2.86
CA CYS B 446 -44.52 10.56 1.49
C CYS B 446 -44.89 9.14 1.10
N PHE B 447 -44.06 8.19 1.52
CA PHE B 447 -44.23 6.79 1.13
C PHE B 447 -45.44 6.19 1.84
N ILE B 448 -45.61 6.52 3.12
CA ILE B 448 -46.72 6.00 3.90
C ILE B 448 -48.07 6.59 3.44
N SER B 449 -48.10 7.89 3.18
CA SER B 449 -49.29 8.55 2.64
C SER B 449 -49.68 8.01 1.23
N ASP B 450 -48.70 7.70 0.38
CA ASP B 450 -48.98 7.11 -0.92
C ASP B 450 -49.53 5.69 -0.65
N LEU B 451 -48.97 4.99 0.33
CA LEU B 451 -49.32 3.59 0.55
C LEU B 451 -50.73 3.45 1.10
N LYS B 452 -51.11 4.44 1.92
CA LYS B 452 -52.41 4.47 2.55
C LYS B 452 -53.51 4.77 1.52
N GLN B 453 -53.18 5.58 0.51
CA GLN B 453 -54.10 5.95 -0.56
C GLN B 453 -54.58 4.76 -1.40
N ILE B 454 -53.79 3.70 -1.48
CA ILE B 454 -54.12 2.58 -2.36
C ILE B 454 -55.28 1.82 -1.77
N VAL B 455 -56.31 1.64 -2.58
CA VAL B 455 -57.36 0.68 -2.26
C VAL B 455 -56.76 -0.73 -2.35
N PRO B 456 -56.86 -1.52 -1.27
CA PRO B 456 -56.38 -2.91 -1.29
C PRO B 456 -57.30 -3.84 -2.06
N ARG B 457 -56.71 -4.90 -2.63
CA ARG B 457 -57.43 -5.88 -3.46
C ARG B 457 -58.55 -6.68 -2.73
C1 U2F C . 26.64 -3.48 -1.78
O1 U2F C . 25.88 -2.10 -1.61
PB U2F C . 24.56 -1.84 -0.75
O1B U2F C . 23.59 -1.04 -1.60
O2B U2F C . 23.96 -3.23 -0.91
O3A U2F C . 24.33 -1.45 0.75
PA U2F C . 25.21 -0.44 1.59
O1A U2F C . 26.52 -1.00 1.78
O2A U2F C . 24.42 -0.20 2.86
O5' U2F C . 25.41 0.89 0.70
C5' U2F C . 24.28 1.68 0.49
C4' U2F C . 24.88 3.06 0.18
O4' U2F C . 23.95 3.86 -0.53
C1' U2F C . 23.72 5.06 0.22
C2' U2F C . 23.91 4.69 1.64
C3' U2F C . 25.11 3.79 1.49
O3' U2F C . 26.30 4.54 1.43
O2' U2F C . 24.17 5.80 2.43
N1 U2F C . 22.36 5.43 -0.14
C6' U2F C . 22.13 6.76 -0.48
O6' U2F C . 23.05 7.53 -0.58
N3 U2F C . 20.86 7.16 -0.88
C7' U2F C . 19.82 6.28 -0.86
O7' U2F C . 18.81 6.65 -1.14
C8' U2F C . 20.03 4.96 -0.44
C9' U2F C . 21.32 4.53 -0.09
C2 U2F C . 26.70 -4.64 -0.87
F1 U2F C . 25.47 -5.32 -0.89
C3 U2F C . 26.89 -4.25 0.70
O3 U2F C . 26.61 -5.28 1.84
C4 U2F C . 28.32 -3.63 0.89
O4 U2F C . 28.33 -2.92 2.26
C5 U2F C . 28.58 -2.53 -0.37
C6 U2F C . 30.12 -2.13 -0.33
O6 U2F C . 31.06 -3.17 -0.17
O5 U2F C . 28.17 -3.20 -1.59
C1 U2F D . -26.68 1.45 0.95
O1 U2F D . -25.70 1.90 2.06
PB U2F D . -24.22 2.57 1.87
O1B U2F D . -23.33 1.88 2.87
O2B U2F D . -23.83 1.89 0.56
O3A U2F D . -23.71 4.07 1.79
PA U2F D . -24.35 5.44 2.45
O1A U2F D . -25.72 5.67 2.03
O2A U2F D . -23.40 6.54 2.02
O5' U2F D . -24.39 5.07 4.02
C5' U2F D . -23.19 4.91 4.69
C4' U2F D . -23.59 5.12 6.15
O4' U2F D . -22.62 4.48 6.98
C1' U2F D . -22.11 5.43 7.90
C2' U2F D . -22.16 6.71 7.18
C3' U2F D . -23.52 6.59 6.51
O3' U2F D . -24.64 6.93 7.29
O2' U2F D . -21.99 7.74 8.10
N1 U2F D . -20.77 4.95 8.17
C6' U2F D . -20.38 5.01 9.50
O6' U2F D . -21.12 5.39 10.31
N3 U2F D . -19.10 4.55 9.82
C7' U2F D . -18.24 4.01 8.86
O7' U2F D . -17.12 3.70 9.21
C8' U2F D . -18.65 3.97 7.51
C9' U2F D . -19.94 4.45 7.16
C2 U2F D . -26.84 1.92 -0.45
F1 U2F D . -25.87 1.32 -1.31
C3 U2F D . -26.76 3.55 -0.62
O3 U2F D . -26.52 4.22 -2.01
C4 U2F D . -28.04 4.17 0.05
O4 U2F D . -27.73 5.70 0.27
C5 U2F D . -28.32 3.40 1.55
C6 U2F D . -29.83 3.69 2.09
O6 U2F D . -30.88 3.93 1.13
O5 U2F D . -28.08 1.95 1.36
#